data_4DX8
#
_entry.id   4DX8
#
_cell.length_a   153.898
_cell.length_b   157.977
_cell.length_c   152.006
_cell.angle_alpha   90.000
_cell.angle_beta   90.000
_cell.angle_gamma   90.000
#
_symmetry.space_group_name_H-M   'C 2 2 21'
#
loop_
_entity.id
_entity.type
_entity.pdbx_description
1 polymer 'Integrin beta-1-binding protein 1'
2 polymer 'Krev interaction trapped protein 1'
3 non-polymer 'BROMIDE ION'
4 water water
#
loop_
_entity_poly.entity_id
_entity_poly.type
_entity_poly.pdbx_seq_one_letter_code
_entity_poly.pdbx_strand_id
1 'polypeptide(L)'
;GSSSGQSNNNSDTCAEFRIKYVGAIEKLKLSEGKGLEGPLDLINYIDVAQQDGKLPFVPPEEEFIMGVSKYGIKVSTSDQ
YDVLHRHALYLIIRMVCYDDGLGAGKSLLALKTTDASNEEYSLWVYQCNSLEQAQAICKVLSTAFDSVLTSEKP
;
A,B,D,E
2 'polypeptide(L)'
;GPLGSMGNPENIEDAYVAVIRPKNTASLNSREYRAKSYEILLHEVPIEGQKKKRKKVLLETKLQGNSEITQGILDYVVET
TKPISPANQGIRGKRVVLMKKFPLDGEKMGREASLFIVPSVVKDNTKYTYTPGCPIFYCLQDIMRVCSESSTHFATLTAR
MLIALDKWLDERHAQSHFIPALFRPSPLERIKTNVINPAYATE
;
H,I,J,K
#
loop_
_chem_comp.id
_chem_comp.type
_chem_comp.name
_chem_comp.formula
BR non-polymer 'BROMIDE ION' 'Br -1'
#
# COMPACT_ATOMS: atom_id res chain seq x y z
N ASN A 9 -14.98 2.01 15.62
CA ASN A 9 -16.44 2.07 15.34
C ASN A 9 -16.73 2.89 14.08
N ASN A 10 -17.89 2.65 13.47
CA ASN A 10 -18.32 3.35 12.26
C ASN A 10 -18.30 4.88 12.38
N SER A 11 -17.57 5.59 11.51
CA SER A 11 -16.71 5.01 10.46
C SER A 11 -15.62 6.02 10.06
N ASP A 12 -14.36 5.64 10.24
CA ASP A 12 -13.24 6.54 9.96
C ASP A 12 -12.16 5.92 9.07
N THR A 13 -11.36 6.77 8.44
CA THR A 13 -10.35 6.35 7.48
C THR A 13 -8.92 6.72 7.94
N CYS A 14 -8.83 7.41 9.07
CA CYS A 14 -7.57 7.92 9.60
C CYS A 14 -7.57 7.82 11.13
N ALA A 15 -6.70 6.98 11.69
CA ALA A 15 -6.66 6.79 13.15
C ALA A 15 -5.28 6.44 13.70
N GLU A 16 -5.05 6.82 14.96
CA GLU A 16 -3.80 6.51 15.67
C GLU A 16 -4.03 5.59 16.87
N PHE A 17 -3.08 4.70 17.11
CA PHE A 17 -3.22 3.66 18.13
C PHE A 17 -1.91 3.45 18.88
N ARG A 18 -1.99 3.31 20.20
CA ARG A 18 -0.82 2.92 21.01
C ARG A 18 -0.67 1.41 21.02
N ILE A 19 0.46 0.92 20.50
CA ILE A 19 0.70 -0.52 20.39
C ILE A 19 2.10 -0.92 20.88
N LYS A 20 2.36 -2.22 20.92
CA LYS A 20 3.70 -2.72 21.21
C LYS A 20 4.21 -3.52 20.02
N TYR A 21 5.51 -3.72 19.98
CA TYR A 21 6.19 -4.26 18.80
C TYR A 21 6.88 -5.56 19.17
N VAL A 22 6.44 -6.66 18.57
CA VAL A 22 7.08 -7.95 18.84
C VAL A 22 8.39 -8.06 18.05
N GLY A 23 8.32 -7.76 16.76
CA GLY A 23 9.50 -7.79 15.93
C GLY A 23 9.19 -8.03 14.46
N ALA A 24 10.23 -8.35 13.70
CA ALA A 24 10.14 -8.41 12.25
C ALA A 24 11.00 -9.53 11.70
N ILE A 25 10.55 -10.15 10.62
CA ILE A 25 11.39 -11.04 9.85
C ILE A 25 11.39 -10.47 8.45
N GLU A 26 12.50 -9.81 8.13
CA GLU A 26 12.66 -9.04 6.90
C GLU A 26 13.38 -9.81 5.81
N LYS A 27 12.97 -9.55 4.58
CA LYS A 27 13.64 -10.05 3.38
C LYS A 27 13.69 -11.57 3.32
N LEU A 28 12.51 -12.18 3.30
CA LEU A 28 12.37 -13.59 2.98
C LEU A 28 12.35 -13.79 1.47
N LYS A 29 12.94 -14.88 1.01
CA LYS A 29 12.90 -15.24 -0.41
C LYS A 29 11.50 -15.73 -0.81
N LEU A 30 11.02 -16.75 -0.09
CA LEU A 30 9.68 -17.31 -0.26
C LEU A 30 9.18 -17.98 1.03
N SER A 31 10.04 -18.80 1.63
CA SER A 31 9.69 -19.56 2.82
C SER A 31 10.47 -19.09 4.06
N GLY A 35 6.64 -20.22 -0.56
CA GLY A 35 5.64 -21.22 -0.19
C GLY A 35 4.91 -20.86 1.09
N LEU A 36 4.51 -19.60 1.21
CA LEU A 36 3.83 -19.09 2.38
C LEU A 36 2.44 -18.55 2.01
N GLU A 37 1.48 -19.46 1.89
CA GLU A 37 0.15 -19.13 1.37
C GLU A 37 -0.96 -18.94 2.41
N GLY A 38 -1.54 -17.73 2.42
CA GLY A 38 -2.71 -17.44 3.25
C GLY A 38 -2.44 -17.10 4.72
N PRO A 39 -3.51 -16.83 5.46
CA PRO A 39 -3.43 -16.40 6.87
C PRO A 39 -2.95 -17.47 7.86
N LEU A 40 -3.29 -18.74 7.63
CA LEU A 40 -2.89 -19.81 8.56
C LEU A 40 -1.39 -20.16 8.50
N ASP A 41 -0.83 -20.18 7.29
CA ASP A 41 0.61 -20.31 7.09
C ASP A 41 1.37 -19.16 7.73
N LEU A 42 0.81 -17.95 7.64
CA LEU A 42 1.41 -16.78 8.27
C LEU A 42 1.53 -16.92 9.80
N ILE A 43 0.40 -17.20 10.46
CA ILE A 43 0.36 -17.40 11.90
C ILE A 43 1.31 -18.52 12.33
N ASN A 44 1.28 -19.64 11.62
CA ASN A 44 2.15 -20.77 11.93
C ASN A 44 3.64 -20.38 11.87
N TYR A 45 3.99 -19.61 10.85
CA TYR A 45 5.37 -19.18 10.63
C TYR A 45 5.86 -18.35 11.80
N ILE A 46 5.01 -17.42 12.25
CA ILE A 46 5.33 -16.60 13.41
C ILE A 46 5.46 -17.42 14.68
N ASP A 47 4.60 -18.44 14.84
CA ASP A 47 4.73 -19.39 15.97
C ASP A 47 6.08 -20.08 16.00
N VAL A 48 6.53 -20.56 14.84
CA VAL A 48 7.79 -21.30 14.75
C VAL A 48 8.96 -20.35 14.98
N ALA A 49 8.82 -19.11 14.54
CA ALA A 49 9.84 -18.09 14.80
C ALA A 49 9.97 -17.85 16.30
N GLN A 50 8.83 -17.74 16.99
CA GLN A 50 8.84 -17.53 18.44
C GLN A 50 9.45 -18.72 19.17
N GLN A 51 9.12 -19.93 18.72
CA GLN A 51 9.69 -21.15 19.29
C GLN A 51 11.18 -21.24 19.09
N ASP A 52 11.66 -20.76 17.95
CA ASP A 52 13.08 -20.78 17.61
C ASP A 52 13.86 -19.61 18.24
N GLY A 53 13.15 -18.70 18.89
CA GLY A 53 13.78 -17.49 19.43
C GLY A 53 14.13 -16.40 18.43
N LYS A 54 13.56 -16.44 17.22
CA LYS A 54 13.74 -15.33 16.28
C LYS A 54 12.85 -14.15 16.65
N LEU A 55 11.73 -14.44 17.31
CA LEU A 55 10.85 -13.42 17.85
C LEU A 55 10.57 -13.75 19.31
N PRO A 56 10.32 -12.73 20.14
CA PRO A 56 10.07 -13.01 21.56
C PRO A 56 8.62 -13.40 21.79
N PHE A 57 8.37 -14.08 22.91
CA PHE A 57 7.00 -14.36 23.33
C PHE A 57 6.36 -13.11 23.91
N VAL A 58 7.17 -12.28 24.55
CA VAL A 58 6.70 -11.07 25.20
C VAL A 58 7.45 -9.88 24.60
N PRO A 59 6.71 -8.87 24.10
CA PRO A 59 7.38 -7.70 23.55
C PRO A 59 8.01 -6.82 24.64
N PRO A 60 8.96 -5.95 24.25
CA PRO A 60 9.43 -4.96 25.22
C PRO A 60 8.29 -4.04 25.66
N GLU A 61 8.51 -3.29 26.74
CA GLU A 61 7.46 -2.48 27.34
C GLU A 61 7.16 -1.21 26.53
N GLU A 62 8.13 -0.74 25.75
CA GLU A 62 7.96 0.55 25.07
C GLU A 62 6.81 0.55 24.07
N GLU A 63 6.08 1.66 24.06
CA GLU A 63 4.92 1.81 23.22
C GLU A 63 5.23 2.63 21.98
N PHE A 64 4.57 2.29 20.90
CA PHE A 64 4.73 2.99 19.64
C PHE A 64 3.38 3.49 19.17
N ILE A 65 3.39 4.47 18.29
CA ILE A 65 2.17 4.99 17.71
C ILE A 65 2.02 4.45 16.30
N MET A 66 0.91 3.77 16.05
CA MET A 66 0.60 3.26 14.72
C MET A 66 -0.50 4.12 14.13
N GLY A 67 -0.16 4.82 13.06
CA GLY A 67 -1.11 5.64 12.32
C GLY A 67 -1.55 4.88 11.08
N VAL A 68 -2.86 4.71 10.92
CA VAL A 68 -3.42 4.06 9.74
C VAL A 68 -4.20 5.10 8.95
N SER A 69 -3.99 5.12 7.64
CA SER A 69 -4.60 6.11 6.75
C SER A 69 -4.57 5.57 5.32
N LYS A 70 -5.00 6.38 4.36
CA LYS A 70 -4.99 5.99 2.95
C LYS A 70 -3.58 5.93 2.33
N TYR A 71 -2.58 6.37 3.10
CA TYR A 71 -1.18 6.19 2.69
C TYR A 71 -0.68 4.78 3.03
N GLY A 72 -1.21 4.22 4.11
CA GLY A 72 -0.78 2.92 4.60
C GLY A 72 -0.64 2.95 6.10
N ILE A 73 0.40 2.29 6.61
CA ILE A 73 0.62 2.22 8.06
C ILE A 73 1.94 2.86 8.43
N LYS A 74 1.89 3.78 9.37
CA LYS A 74 3.08 4.47 9.88
C LYS A 74 3.34 4.05 11.33
N VAL A 75 4.59 3.75 11.67
CA VAL A 75 4.96 3.40 13.06
C VAL A 75 5.99 4.38 13.62
N SER A 76 5.67 4.99 14.76
CA SER A 76 6.55 6.00 15.37
C SER A 76 6.77 5.75 16.85
N THR A 77 7.76 6.42 17.43
CA THR A 77 7.96 6.42 18.86
C THR A 77 6.83 7.21 19.52
N SER A 78 6.52 6.90 20.77
CA SER A 78 5.42 7.54 21.49
C SER A 78 5.56 9.08 21.57
N ASP A 79 6.79 9.56 21.46
CA ASP A 79 7.08 11.01 21.42
C ASP A 79 6.71 11.63 20.08
N GLN A 80 6.37 10.79 19.11
CA GLN A 80 6.10 11.18 17.71
C GLN A 80 7.33 11.72 16.96
N TYR A 81 8.44 11.84 17.69
CA TYR A 81 9.69 12.40 17.17
C TYR A 81 10.30 11.61 16.01
N ASP A 82 10.38 10.28 16.16
CA ASP A 82 11.04 9.42 15.18
C ASP A 82 10.09 8.43 14.51
N VAL A 83 10.14 8.38 13.18
CA VAL A 83 9.40 7.42 12.39
C VAL A 83 10.27 6.18 12.16
N LEU A 84 9.76 5.01 12.55
CA LEU A 84 10.49 3.76 12.30
C LEU A 84 10.28 3.27 10.88
N HIS A 85 9.02 3.21 10.45
CA HIS A 85 8.65 2.62 9.16
C HIS A 85 7.43 3.25 8.58
N ARG A 86 7.40 3.30 7.26
CA ARG A 86 6.18 3.59 6.53
C ARG A 86 5.84 2.38 5.67
N HIS A 87 4.78 1.68 6.06
CA HIS A 87 4.27 0.55 5.30
C HIS A 87 3.24 1.05 4.34
N ALA A 88 3.69 1.30 3.12
CA ALA A 88 2.85 1.82 2.03
C ALA A 88 1.73 0.87 1.69
N LEU A 89 0.54 1.44 1.51
CA LEU A 89 -0.66 0.68 1.23
C LEU A 89 -0.50 -0.26 0.03
N TYR A 90 0.18 0.22 -1.01
CA TYR A 90 0.41 -0.53 -2.24
C TYR A 90 1.23 -1.81 -2.01
N LEU A 91 2.04 -1.80 -0.96
CA LEU A 91 2.99 -2.88 -0.72
C LEU A 91 2.57 -3.86 0.38
N ILE A 92 1.44 -3.58 1.04
CA ILE A 92 0.88 -4.48 2.03
C ILE A 92 0.14 -5.60 1.30
N ILE A 93 0.46 -6.85 1.62
CA ILE A 93 -0.26 -7.98 1.06
C ILE A 93 -1.44 -8.43 1.93
N ARG A 94 -1.19 -8.53 3.24
CA ARG A 94 -2.18 -9.10 4.11
C ARG A 94 -1.89 -8.65 5.53
N MET A 95 -2.95 -8.37 6.28
CA MET A 95 -2.84 -8.24 7.73
C MET A 95 -3.79 -9.21 8.40
N VAL A 96 -3.27 -9.90 9.42
CA VAL A 96 -4.00 -10.88 10.18
C VAL A 96 -3.96 -10.55 11.68
N CYS A 97 -5.13 -10.59 12.30
CA CYS A 97 -5.24 -10.43 13.73
C CYS A 97 -5.54 -11.80 14.30
N TYR A 98 -4.83 -12.17 15.37
CA TYR A 98 -5.01 -13.47 16.00
C TYR A 98 -4.61 -13.45 17.48
N ASP A 99 -5.12 -14.40 18.25
CA ASP A 99 -4.81 -14.56 19.68
C ASP A 99 -3.46 -15.26 19.83
N ASP A 100 -2.60 -14.73 20.71
CA ASP A 100 -1.28 -15.34 20.96
C ASP A 100 -1.37 -16.78 21.49
N GLY A 101 -2.48 -17.09 22.17
CA GLY A 101 -2.75 -18.44 22.67
C GLY A 101 -1.99 -18.83 23.91
N LEU A 102 -1.68 -17.89 24.80
CA LEU A 102 -0.77 -18.15 25.91
C LEU A 102 -1.37 -18.13 27.31
N GLY A 103 -2.49 -17.44 27.49
CA GLY A 103 -3.13 -17.35 28.80
C GLY A 103 -3.63 -15.94 29.06
N ALA A 104 -2.72 -14.97 28.94
CA ALA A 104 -3.08 -13.55 29.04
C ALA A 104 -4.03 -13.10 27.93
N GLY A 105 -4.21 -13.95 26.92
CA GLY A 105 -5.11 -13.70 25.81
C GLY A 105 -4.81 -12.47 24.96
N LYS A 106 -3.52 -12.18 24.78
CA LYS A 106 -3.10 -11.02 23.98
C LYS A 106 -3.39 -11.20 22.49
N SER A 107 -3.73 -10.09 21.83
CA SER A 107 -4.02 -10.08 20.41
C SER A 107 -2.84 -9.49 19.66
N LEU A 108 -2.34 -10.27 18.70
CA LEU A 108 -1.23 -9.85 17.88
C LEU A 108 -1.74 -9.48 16.49
N LEU A 109 -1.08 -8.52 15.84
CA LEU A 109 -1.29 -8.25 14.42
C LEU A 109 -0.06 -8.64 13.66
N ALA A 110 -0.25 -9.39 12.58
CA ALA A 110 0.84 -9.68 11.65
C ALA A 110 0.57 -9.03 10.31
N LEU A 111 1.56 -8.27 9.81
CA LEU A 111 1.52 -7.66 8.47
C LEU A 111 2.49 -8.38 7.56
N LYS A 112 2.01 -8.78 6.39
CA LYS A 112 2.88 -9.28 5.35
C LYS A 112 3.02 -8.19 4.31
N THR A 113 4.25 -7.74 4.08
CA THR A 113 4.49 -6.68 3.09
C THR A 113 5.45 -7.18 2.01
N THR A 114 5.46 -6.49 0.88
CA THR A 114 6.39 -6.83 -0.18
C THR A 114 7.14 -5.56 -0.59
N ASP A 115 8.04 -5.68 -1.55
CA ASP A 115 8.81 -4.55 -2.04
C ASP A 115 8.30 -4.12 -3.42
N ALA A 116 8.81 -2.98 -3.93
CA ALA A 116 8.30 -2.38 -5.16
C ALA A 116 8.26 -3.33 -6.36
N SER A 117 9.23 -4.24 -6.44
CA SER A 117 9.34 -5.15 -7.56
C SER A 117 8.70 -6.51 -7.28
N ASN A 118 8.04 -6.63 -6.11
CA ASN A 118 7.34 -7.85 -5.69
C ASN A 118 8.22 -9.11 -5.66
N GLU A 119 9.50 -8.95 -5.32
CA GLU A 119 10.46 -10.06 -5.30
C GLU A 119 10.76 -10.64 -3.90
N GLU A 120 10.47 -9.87 -2.86
CA GLU A 120 10.78 -10.26 -1.48
C GLU A 120 9.64 -9.88 -0.54
N TYR A 121 9.52 -10.61 0.56
CA TYR A 121 8.45 -10.41 1.55
C TYR A 121 9.03 -10.17 2.93
N SER A 122 8.29 -9.45 3.76
CA SER A 122 8.69 -9.18 5.12
C SER A 122 7.48 -9.35 6.02
N LEU A 123 7.73 -9.73 7.28
CA LEU A 123 6.67 -9.88 8.27
C LEU A 123 6.93 -8.96 9.44
N TRP A 124 5.85 -8.33 9.92
CA TRP A 124 5.92 -7.37 11.00
C TRP A 124 4.88 -7.74 12.01
N VAL A 125 5.29 -7.89 13.28
CA VAL A 125 4.38 -8.36 14.31
C VAL A 125 4.23 -7.33 15.44
N TYR A 126 2.98 -6.96 15.73
CA TYR A 126 2.66 -5.98 16.78
C TYR A 126 1.72 -6.58 17.82
N GLN A 127 1.79 -6.06 19.04
CA GLN A 127 0.86 -6.44 20.08
C GLN A 127 -0.06 -5.28 20.45
N CYS A 128 -1.37 -5.56 20.42
CA CYS A 128 -2.40 -4.57 20.78
C CYS A 128 -2.81 -4.75 22.24
N ASN A 129 -3.39 -3.69 22.84
CA ASN A 129 -3.77 -3.76 24.25
C ASN A 129 -5.08 -4.50 24.51
N SER A 130 -5.88 -4.65 23.46
CA SER A 130 -7.15 -5.35 23.53
C SER A 130 -7.46 -5.89 22.15
N LEU A 131 -8.40 -6.85 22.08
CA LEU A 131 -8.93 -7.35 20.83
C LEU A 131 -9.71 -6.26 20.08
N GLU A 132 -10.35 -5.39 20.85
CA GLU A 132 -11.10 -4.26 20.31
C GLU A 132 -10.20 -3.37 19.45
N GLN A 133 -9.02 -3.04 19.96
CA GLN A 133 -8.06 -2.19 19.25
C GLN A 133 -7.56 -2.88 17.98
N ALA A 134 -7.23 -4.17 18.07
CA ALA A 134 -6.77 -4.90 16.90
C ALA A 134 -7.82 -4.90 15.79
N GLN A 135 -9.09 -4.99 16.17
CA GLN A 135 -10.17 -5.01 15.19
C GLN A 135 -10.42 -3.64 14.57
N ALA A 136 -10.26 -2.59 15.38
CA ALA A 136 -10.35 -1.22 14.92
C ALA A 136 -9.28 -0.95 13.87
N ILE A 137 -8.03 -1.37 14.14
CA ILE A 137 -6.94 -1.22 13.19
C ILE A 137 -7.26 -1.88 11.85
N CYS A 138 -7.77 -3.12 11.92
CA CYS A 138 -8.19 -3.85 10.72
C CYS A 138 -9.32 -3.17 9.98
N LYS A 139 -10.27 -2.59 10.72
CA LYS A 139 -11.37 -1.90 10.09
C LYS A 139 -10.89 -0.69 9.28
N VAL A 140 -10.03 0.13 9.88
CA VAL A 140 -9.52 1.32 9.23
C VAL A 140 -8.67 0.94 8.00
N LEU A 141 -7.88 -0.11 8.14
CA LEU A 141 -7.08 -0.60 6.99
C LEU A 141 -7.98 -1.07 5.84
N SER A 142 -9.00 -1.86 6.16
CA SER A 142 -9.96 -2.31 5.15
C SER A 142 -10.62 -1.14 4.46
N THR A 143 -11.01 -0.13 5.24
CA THR A 143 -11.72 1.02 4.72
C THR A 143 -10.80 1.79 3.79
N ALA A 144 -9.53 1.89 4.16
CA ALA A 144 -8.48 2.47 3.32
C ALA A 144 -8.41 1.80 1.95
N PHE A 145 -8.33 0.47 1.93
CA PHE A 145 -8.28 -0.31 0.70
C PHE A 145 -9.48 -0.03 -0.19
N ASP A 146 -10.67 -0.12 0.39
CA ASP A 146 -11.90 0.13 -0.36
C ASP A 146 -11.98 1.57 -0.86
N SER A 147 -11.47 2.49 -0.07
CA SER A 147 -11.47 3.90 -0.41
C SER A 147 -10.58 4.21 -1.63
N VAL A 148 -9.34 3.70 -1.63
CA VAL A 148 -8.44 3.92 -2.75
C VAL A 148 -8.82 3.10 -3.99
N LEU A 149 -9.59 2.03 -3.77
CA LEU A 149 -10.06 1.18 -4.86
C LEU A 149 -11.13 1.86 -5.69
N THR A 150 -11.94 2.72 -5.05
CA THR A 150 -12.98 3.52 -5.69
C THR A 150 -13.66 2.84 -6.90
N ASP B 12 -17.54 1.06 21.33
CA ASP B 12 -19.00 1.01 21.65
C ASP B 12 -19.47 -0.43 21.94
N THR B 13 -20.43 -0.56 22.85
CA THR B 13 -20.94 -1.87 23.26
C THR B 13 -22.35 -2.15 22.72
N CYS B 14 -22.93 -1.15 22.06
CA CYS B 14 -24.32 -1.22 21.64
C CYS B 14 -24.48 -0.44 20.33
N ALA B 15 -24.98 -1.11 19.29
CA ALA B 15 -25.17 -0.48 17.98
C ALA B 15 -26.22 -1.17 17.10
N GLU B 16 -26.75 -0.41 16.15
CA GLU B 16 -27.74 -0.89 15.18
C GLU B 16 -27.20 -0.82 13.75
N PHE B 17 -27.62 -1.76 12.90
CA PHE B 17 -27.13 -1.84 11.50
C PHE B 17 -28.22 -2.27 10.52
N ARG B 18 -28.29 -1.63 9.36
CA ARG B 18 -29.26 -1.98 8.32
C ARG B 18 -28.69 -3.08 7.42
N ILE B 19 -29.36 -4.23 7.41
CA ILE B 19 -28.85 -5.44 6.76
C ILE B 19 -29.94 -6.13 5.95
N LYS B 20 -29.52 -7.12 5.14
CA LYS B 20 -30.44 -8.02 4.47
C LYS B 20 -30.33 -9.45 5.01
N TYR B 21 -31.37 -10.24 4.74
CA TYR B 21 -31.50 -11.58 5.32
C TYR B 21 -31.45 -12.67 4.24
N VAL B 22 -30.45 -13.55 4.31
CA VAL B 22 -30.31 -14.61 3.31
C VAL B 22 -31.21 -15.81 3.69
N GLY B 23 -31.12 -16.23 4.94
CA GLY B 23 -31.99 -17.28 5.45
C GLY B 23 -31.38 -18.05 6.61
N ALA B 24 -32.04 -19.15 6.97
CA ALA B 24 -31.63 -19.95 8.11
C ALA B 24 -31.69 -21.45 7.82
N ILE B 25 -30.81 -22.21 8.45
CA ILE B 25 -30.96 -23.66 8.51
C ILE B 25 -31.12 -24.01 9.98
N GLU B 26 -32.34 -24.39 10.36
CA GLU B 26 -32.71 -24.49 11.76
C GLU B 26 -32.72 -25.91 12.26
N LYS B 27 -32.65 -26.05 13.58
CA LYS B 27 -32.81 -27.34 14.27
C LYS B 27 -31.99 -28.50 13.68
N LEU B 28 -30.68 -28.29 13.52
CA LEU B 28 -29.77 -29.36 13.15
C LEU B 28 -29.42 -30.19 14.38
N LYS B 29 -29.43 -31.51 14.24
CA LYS B 29 -29.08 -32.41 15.33
C LYS B 29 -27.63 -32.22 15.77
N LEU B 30 -27.38 -32.42 17.06
CA LEU B 30 -26.05 -32.37 17.64
C LEU B 30 -25.00 -33.06 16.76
N SER B 31 -25.42 -34.13 16.08
CA SER B 31 -24.60 -34.81 15.08
C SER B 31 -25.11 -34.53 13.66
N GLY B 35 -20.47 -32.85 12.79
CA GLY B 35 -19.19 -32.67 12.13
C GLY B 35 -19.05 -31.28 11.52
N LEU B 36 -19.10 -30.26 12.36
CA LEU B 36 -19.07 -28.88 11.91
C LEU B 36 -18.13 -28.01 12.77
N GLU B 37 -16.83 -28.31 12.72
CA GLU B 37 -15.86 -27.63 13.57
C GLU B 37 -15.19 -26.42 12.92
N GLY B 38 -15.26 -25.29 13.61
CA GLY B 38 -14.55 -24.10 13.21
C GLY B 38 -15.20 -23.30 12.08
N PRO B 39 -14.62 -22.13 11.77
CA PRO B 39 -15.21 -21.18 10.82
C PRO B 39 -15.21 -21.61 9.35
N LEU B 40 -14.27 -22.45 8.93
CA LEU B 40 -14.20 -22.85 7.52
C LEU B 40 -15.30 -23.84 7.18
N ASP B 41 -15.49 -24.82 8.06
CA ASP B 41 -16.60 -25.76 7.99
C ASP B 41 -17.96 -25.05 7.97
N LEU B 42 -18.09 -23.97 8.72
CA LEU B 42 -19.31 -23.18 8.72
C LEU B 42 -19.57 -22.52 7.35
N ILE B 43 -18.55 -21.89 6.78
CA ILE B 43 -18.68 -21.25 5.48
C ILE B 43 -19.01 -22.30 4.43
N ASN B 44 -18.29 -23.41 4.46
CA ASN B 44 -18.49 -24.48 3.50
C ASN B 44 -19.91 -25.04 3.56
N TYR B 45 -20.44 -25.24 4.77
CA TYR B 45 -21.79 -25.72 4.96
C TYR B 45 -22.80 -24.78 4.28
N ILE B 46 -22.61 -23.48 4.46
CA ILE B 46 -23.48 -22.50 3.81
C ILE B 46 -23.33 -22.49 2.29
N ASP B 47 -22.10 -22.63 1.79
CA ASP B 47 -21.84 -22.75 0.35
C ASP B 47 -22.66 -23.89 -0.25
N VAL B 48 -22.52 -25.08 0.33
CA VAL B 48 -23.22 -26.28 -0.16
C VAL B 48 -24.75 -26.17 -0.04
N ALA B 49 -25.23 -25.55 1.02
CA ALA B 49 -26.66 -25.32 1.18
C ALA B 49 -27.19 -24.43 0.06
N GLN B 50 -26.40 -23.42 -0.33
CA GLN B 50 -26.74 -22.62 -1.51
C GLN B 50 -26.72 -23.47 -2.79
N GLN B 51 -25.65 -24.25 -3.00
CA GLN B 51 -25.60 -25.19 -4.12
C GLN B 51 -26.83 -26.10 -4.21
N ASP B 52 -27.38 -26.49 -3.05
CA ASP B 52 -28.50 -27.41 -3.00
C ASP B 52 -29.88 -26.77 -3.02
N GLY B 53 -29.93 -25.45 -3.14
CA GLY B 53 -31.21 -24.73 -3.21
C GLY B 53 -31.90 -24.51 -1.86
N LYS B 54 -31.18 -24.77 -0.78
CA LYS B 54 -31.71 -24.55 0.58
C LYS B 54 -31.58 -23.08 1.01
N LEU B 55 -30.66 -22.35 0.37
CA LEU B 55 -30.51 -20.92 0.61
C LEU B 55 -30.34 -20.20 -0.74
N PRO B 56 -30.84 -18.96 -0.83
CA PRO B 56 -30.69 -18.25 -2.09
C PRO B 56 -29.28 -17.71 -2.24
N PHE B 57 -28.90 -17.41 -3.48
CA PHE B 57 -27.63 -16.76 -3.79
C PHE B 57 -27.73 -15.25 -3.62
N VAL B 58 -28.93 -14.71 -3.80
CA VAL B 58 -29.21 -13.29 -3.66
C VAL B 58 -30.39 -13.11 -2.70
N PRO B 59 -30.20 -12.31 -1.63
CA PRO B 59 -31.28 -12.10 -0.67
C PRO B 59 -32.36 -11.15 -1.21
N PRO B 60 -33.60 -11.29 -0.69
CA PRO B 60 -34.65 -10.30 -0.94
C PRO B 60 -34.16 -8.89 -0.62
N GLU B 61 -34.75 -7.90 -1.26
CA GLU B 61 -34.32 -6.51 -1.13
C GLU B 61 -34.72 -5.88 0.22
N GLU B 62 -35.59 -6.55 0.96
CA GLU B 62 -36.07 -6.06 2.26
C GLU B 62 -34.95 -5.85 3.27
N GLU B 63 -34.89 -4.63 3.82
CA GLU B 63 -33.90 -4.29 4.84
C GLU B 63 -34.41 -4.55 6.25
N PHE B 64 -33.52 -5.05 7.10
CA PHE B 64 -33.81 -5.31 8.51
C PHE B 64 -32.84 -4.53 9.38
N ILE B 65 -33.18 -4.38 10.65
CA ILE B 65 -32.29 -3.73 11.62
C ILE B 65 -31.73 -4.78 12.56
N MET B 66 -30.41 -4.92 12.55
CA MET B 66 -29.72 -5.80 13.49
C MET B 66 -29.17 -4.96 14.63
N GLY B 67 -29.63 -5.26 15.84
CA GLY B 67 -29.11 -4.63 17.05
C GLY B 67 -28.14 -5.60 17.70
N VAL B 68 -26.95 -5.11 18.04
CA VAL B 68 -25.94 -5.91 18.73
C VAL B 68 -25.66 -5.22 20.07
N SER B 69 -25.52 -6.00 21.13
CA SER B 69 -25.30 -5.49 22.49
C SER B 69 -25.03 -6.65 23.43
N LYS B 70 -24.93 -6.36 24.72
CA LYS B 70 -24.65 -7.38 25.74
C LYS B 70 -25.81 -8.36 25.97
N TYR B 71 -27.00 -8.03 25.46
CA TYR B 71 -28.14 -8.95 25.54
C TYR B 71 -28.06 -10.01 24.46
N GLY B 72 -27.35 -9.69 23.39
CA GLY B 72 -27.26 -10.59 22.26
C GLY B 72 -27.53 -9.86 20.97
N ILE B 73 -28.11 -10.56 20.01
CA ILE B 73 -28.43 -9.98 18.71
C ILE B 73 -29.93 -10.06 18.48
N LYS B 74 -30.51 -8.92 18.10
CA LYS B 74 -31.92 -8.78 17.82
C LYS B 74 -32.04 -8.37 16.36
N VAL B 75 -33.00 -8.96 15.65
CA VAL B 75 -33.23 -8.60 14.25
C VAL B 75 -34.69 -8.23 14.01
N SER B 76 -34.91 -6.96 13.65
CA SER B 76 -36.26 -6.42 13.43
C SER B 76 -36.44 -5.90 12.00
N THR B 77 -37.69 -5.74 11.59
CA THR B 77 -38.01 -5.10 10.30
C THR B 77 -37.62 -3.63 10.39
N SER B 78 -37.48 -2.99 9.23
CA SER B 78 -37.00 -1.60 9.16
C SER B 78 -37.92 -0.58 9.82
N ASP B 79 -39.15 -0.98 10.14
CA ASP B 79 -40.10 -0.14 10.90
C ASP B 79 -39.87 -0.23 12.40
N GLN B 80 -39.07 -1.22 12.82
CA GLN B 80 -38.88 -1.59 14.23
C GLN B 80 -40.17 -2.08 14.89
N TYR B 81 -41.22 -2.23 14.07
CA TYR B 81 -42.51 -2.74 14.50
C TYR B 81 -42.50 -4.25 14.78
N ASP B 82 -41.57 -4.97 14.14
CA ASP B 82 -41.64 -6.42 14.08
C ASP B 82 -40.29 -7.09 14.30
N VAL B 83 -40.19 -7.88 15.36
CA VAL B 83 -38.96 -8.62 15.66
C VAL B 83 -39.00 -10.00 15.01
N LEU B 84 -37.95 -10.34 14.30
CA LEU B 84 -37.81 -11.63 13.63
C LEU B 84 -37.07 -12.67 14.47
N HIS B 85 -35.93 -12.26 15.04
CA HIS B 85 -35.05 -13.17 15.78
C HIS B 85 -34.48 -12.48 16.98
N ARG B 86 -34.41 -13.22 18.08
CA ARG B 86 -33.60 -12.81 19.22
C ARG B 86 -32.55 -13.88 19.51
N HIS B 87 -31.28 -13.51 19.38
CA HIS B 87 -30.18 -14.42 19.67
C HIS B 87 -29.55 -14.05 20.99
N ALA B 88 -29.91 -14.77 22.05
CA ALA B 88 -29.34 -14.47 23.37
C ALA B 88 -27.83 -14.68 23.30
N LEU B 89 -27.08 -13.77 23.92
CA LEU B 89 -25.63 -13.76 23.87
C LEU B 89 -24.99 -15.12 24.17
N TYR B 90 -25.50 -15.83 25.18
CA TYR B 90 -24.84 -17.03 25.66
C TYR B 90 -25.17 -18.24 24.79
N LEU B 91 -26.11 -18.05 23.87
CA LEU B 91 -26.50 -19.08 22.92
C LEU B 91 -25.76 -18.93 21.60
N ILE B 92 -25.08 -17.80 21.43
CA ILE B 92 -24.27 -17.55 20.24
C ILE B 92 -22.93 -18.27 20.36
N ILE B 93 -22.63 -19.15 19.42
CA ILE B 93 -21.38 -19.91 19.46
C ILE B 93 -20.28 -19.18 18.69
N ARG B 94 -20.58 -18.79 17.46
CA ARG B 94 -19.59 -18.21 16.57
C ARG B 94 -20.25 -17.33 15.53
N MET B 95 -19.59 -16.24 15.18
CA MET B 95 -19.99 -15.44 14.03
C MET B 95 -18.81 -15.34 13.08
N VAL B 96 -19.09 -15.46 11.79
CA VAL B 96 -18.06 -15.40 10.77
C VAL B 96 -18.52 -14.49 9.66
N CYS B 97 -17.66 -13.53 9.31
CA CYS B 97 -17.88 -12.73 8.13
C CYS B 97 -16.94 -13.20 7.03
N TYR B 98 -17.47 -13.25 5.82
CA TYR B 98 -16.71 -13.74 4.67
C TYR B 98 -17.31 -13.16 3.40
N ASP B 99 -16.54 -13.23 2.32
CA ASP B 99 -17.00 -12.76 1.01
C ASP B 99 -17.87 -13.85 0.38
N ASP B 100 -18.96 -13.46 -0.26
CA ASP B 100 -19.84 -14.44 -0.90
C ASP B 100 -19.16 -15.19 -2.05
N GLY B 101 -18.11 -14.58 -2.60
CA GLY B 101 -17.31 -15.21 -3.65
C GLY B 101 -17.91 -15.12 -5.04
N LEU B 102 -18.95 -14.31 -5.19
CA LEU B 102 -19.62 -14.14 -6.49
C LEU B 102 -19.18 -12.83 -7.14
N GLY B 103 -19.93 -12.36 -8.13
CA GLY B 103 -19.56 -11.14 -8.86
C GLY B 103 -19.68 -9.88 -8.01
N ALA B 104 -20.80 -9.77 -7.29
CA ALA B 104 -21.15 -8.62 -6.47
C ALA B 104 -20.15 -8.27 -5.34
N GLY B 105 -19.38 -9.26 -4.90
CA GLY B 105 -18.39 -9.06 -3.83
C GLY B 105 -19.03 -8.73 -2.50
N LYS B 106 -20.21 -9.28 -2.27
CA LYS B 106 -20.98 -9.01 -1.07
C LYS B 106 -20.44 -9.72 0.17
N SER B 107 -20.48 -9.03 1.31
CA SER B 107 -20.05 -9.57 2.58
C SER B 107 -21.22 -10.23 3.27
N LEU B 108 -21.03 -11.50 3.66
CA LEU B 108 -22.04 -12.24 4.37
C LEU B 108 -21.66 -12.43 5.85
N LEU B 109 -22.68 -12.50 6.71
CA LEU B 109 -22.48 -12.90 8.11
C LEU B 109 -23.15 -14.23 8.36
N ALA B 110 -22.40 -15.19 8.88
CA ALA B 110 -22.96 -16.46 9.30
C ALA B 110 -22.90 -16.56 10.82
N LEU B 111 -24.04 -16.83 11.44
CA LEU B 111 -24.14 -16.96 12.88
C LEU B 111 -24.50 -18.40 13.24
N LYS B 112 -23.73 -19.01 14.13
CA LYS B 112 -24.03 -20.34 14.64
C LYS B 112 -24.52 -20.24 16.09
N THR B 113 -25.71 -20.79 16.35
CA THR B 113 -26.32 -20.71 17.69
C THR B 113 -26.79 -22.08 18.18
N THR B 114 -26.83 -22.26 19.51
CA THR B 114 -27.53 -23.40 20.15
C THR B 114 -28.84 -22.99 20.82
N ASP B 115 -29.50 -23.99 21.39
CA ASP B 115 -30.70 -23.78 22.19
C ASP B 115 -30.39 -23.94 23.69
N ALA B 116 -31.38 -23.64 24.54
CA ALA B 116 -31.18 -23.62 26.00
C ALA B 116 -30.58 -24.90 26.60
N SER B 117 -30.88 -26.05 25.99
CA SER B 117 -30.40 -27.35 26.47
C SER B 117 -29.12 -27.84 25.78
N ASN B 118 -28.64 -27.06 24.81
CA ASN B 118 -27.43 -27.40 24.03
C ASN B 118 -27.52 -28.78 23.35
N GLU B 119 -28.61 -29.01 22.62
CA GLU B 119 -28.75 -30.26 21.86
C GLU B 119 -29.00 -30.09 20.36
N GLU B 120 -29.39 -28.87 19.97
CA GLU B 120 -29.60 -28.52 18.56
C GLU B 120 -28.83 -27.26 18.17
N TYR B 121 -28.48 -27.16 16.90
CA TYR B 121 -27.79 -25.98 16.35
C TYR B 121 -28.63 -25.30 15.29
N SER B 122 -28.41 -23.99 15.12
CA SER B 122 -29.01 -23.27 14.00
C SER B 122 -28.01 -22.36 13.32
N LEU B 123 -28.15 -22.23 12.00
CA LEU B 123 -27.29 -21.33 11.24
C LEU B 123 -28.13 -20.21 10.65
N TRP B 124 -27.68 -18.97 10.86
CA TRP B 124 -28.40 -17.80 10.36
C TRP B 124 -27.48 -17.00 9.50
N VAL B 125 -27.95 -16.65 8.30
CA VAL B 125 -27.11 -15.97 7.33
C VAL B 125 -27.68 -14.61 6.94
N TYR B 126 -26.86 -13.57 7.10
CA TYR B 126 -27.25 -12.19 6.80
C TYR B 126 -26.30 -11.59 5.79
N GLN B 127 -26.74 -10.56 5.09
CA GLN B 127 -25.87 -9.85 4.16
C GLN B 127 -25.74 -8.38 4.59
N CYS B 128 -24.51 -7.89 4.62
CA CYS B 128 -24.22 -6.51 5.01
C CYS B 128 -24.13 -5.59 3.80
N ASN B 129 -24.26 -4.28 4.00
CA ASN B 129 -24.15 -3.39 2.84
C ASN B 129 -22.72 -3.07 2.43
N SER B 130 -21.76 -3.43 3.29
CA SER B 130 -20.33 -3.27 3.02
C SER B 130 -19.49 -4.15 3.95
N LEU B 131 -18.26 -4.43 3.54
CA LEU B 131 -17.29 -5.16 4.37
C LEU B 131 -17.02 -4.41 5.70
N GLU B 132 -17.01 -3.08 5.64
CA GLU B 132 -16.79 -2.25 6.81
C GLU B 132 -17.86 -2.46 7.87
N GLN B 133 -19.12 -2.55 7.42
CA GLN B 133 -20.21 -2.79 8.33
C GLN B 133 -20.08 -4.15 8.99
N ALA B 134 -19.71 -5.15 8.20
CA ALA B 134 -19.54 -6.52 8.71
C ALA B 134 -18.48 -6.58 9.82
N GLN B 135 -17.36 -5.88 9.60
CA GLN B 135 -16.29 -5.74 10.59
C GLN B 135 -16.74 -5.00 11.84
N ALA B 136 -17.61 -4.01 11.67
CA ALA B 136 -18.14 -3.22 12.79
C ALA B 136 -19.07 -4.08 13.66
N ILE B 137 -19.84 -4.94 13.01
CA ILE B 137 -20.77 -5.82 13.72
C ILE B 137 -19.98 -6.83 14.56
N CYS B 138 -18.94 -7.40 13.98
CA CYS B 138 -18.07 -8.32 14.67
C CYS B 138 -17.34 -7.68 15.84
N LYS B 139 -16.96 -6.40 15.69
CA LYS B 139 -16.26 -5.67 16.75
C LYS B 139 -17.14 -5.45 17.99
N VAL B 140 -18.39 -5.02 17.77
CA VAL B 140 -19.33 -4.81 18.86
C VAL B 140 -19.62 -6.14 19.57
N LEU B 141 -19.84 -7.20 18.79
CA LEU B 141 -20.11 -8.52 19.35
C LEU B 141 -18.95 -9.00 20.23
N SER B 142 -17.71 -8.90 19.73
CA SER B 142 -16.52 -9.24 20.50
C SER B 142 -16.43 -8.44 21.79
N THR B 143 -16.76 -7.15 21.69
CA THR B 143 -16.70 -6.26 22.84
C THR B 143 -17.71 -6.70 23.90
N ALA B 144 -18.89 -7.13 23.44
CA ALA B 144 -19.92 -7.66 24.31
C ALA B 144 -19.44 -8.91 25.06
N PHE B 145 -18.79 -9.83 24.34
CA PHE B 145 -18.23 -11.05 24.94
C PHE B 145 -17.18 -10.75 26.00
N ASP B 146 -16.27 -9.82 25.70
CA ASP B 146 -15.20 -9.48 26.63
C ASP B 146 -15.68 -8.64 27.82
N SER B 147 -16.82 -7.97 27.63
CA SER B 147 -17.43 -7.14 28.66
C SER B 147 -18.13 -7.99 29.71
N VAL B 148 -18.89 -9.00 29.26
CA VAL B 148 -19.59 -9.91 30.17
C VAL B 148 -18.64 -10.96 30.77
N LEU B 149 -17.48 -11.13 30.14
CA LEU B 149 -16.42 -11.98 30.69
C LEU B 149 -15.81 -11.31 31.92
N THR B 150 -15.93 -9.98 31.99
CA THR B 150 -15.60 -9.16 33.16
C THR B 150 -14.42 -9.68 34.00
N ASP C 12 -6.67 19.67 -23.69
CA ASP C 12 -7.52 20.79 -24.20
C ASP C 12 -6.69 22.03 -24.51
N THR C 13 -7.14 22.77 -25.53
CA THR C 13 -6.42 23.94 -26.03
C THR C 13 -7.07 25.27 -25.60
N CYS C 14 -8.32 25.19 -25.13
CA CYS C 14 -9.13 26.35 -24.77
C CYS C 14 -10.02 26.02 -23.56
N ALA C 15 -9.96 26.84 -22.51
CA ALA C 15 -10.63 26.54 -21.25
C ALA C 15 -10.87 27.76 -20.35
N GLU C 16 -11.87 27.66 -19.49
CA GLU C 16 -12.23 28.73 -18.56
C GLU C 16 -12.16 28.26 -17.10
N PHE C 17 -11.78 29.18 -16.22
CA PHE C 17 -11.54 28.85 -14.81
C PHE C 17 -11.96 29.98 -13.90
N ARG C 18 -12.59 29.64 -12.77
CA ARG C 18 -13.00 30.60 -11.76
C ARG C 18 -11.86 30.83 -10.78
N ILE C 19 -11.34 32.05 -10.74
CA ILE C 19 -10.19 32.38 -9.91
C ILE C 19 -10.43 33.66 -9.10
N LYS C 20 -9.43 34.03 -8.30
CA LYS C 20 -9.44 35.28 -7.55
C LYS C 20 -8.25 36.14 -7.93
N TYR C 21 -8.33 37.44 -7.62
CA TYR C 21 -7.31 38.39 -8.04
C TYR C 21 -6.63 39.00 -6.83
N VAL C 22 -5.32 38.82 -6.74
CA VAL C 22 -4.57 39.39 -5.61
C VAL C 22 -4.21 40.84 -5.93
N GLY C 23 -3.62 41.06 -7.10
CA GLY C 23 -3.26 42.40 -7.54
C GLY C 23 -2.14 42.39 -8.57
N ALA C 24 -1.61 43.58 -8.83
CA ALA C 24 -0.58 43.76 -9.85
C ALA C 24 0.47 44.79 -9.43
N ILE C 25 1.67 44.63 -10.00
CA ILE C 25 2.70 45.66 -9.92
C ILE C 25 3.09 45.97 -11.35
N GLU C 26 2.66 47.12 -11.82
CA GLU C 26 2.76 47.47 -13.23
C GLU C 26 3.94 48.35 -13.53
N LYS C 27 4.57 48.09 -14.69
CA LYS C 27 5.61 48.93 -15.26
C LYS C 27 6.78 49.16 -14.30
N LEU C 28 7.55 48.11 -14.08
CA LEU C 28 8.78 48.19 -13.30
C LEU C 28 9.91 48.83 -14.13
N GLY C 35 17.22 43.32 -11.89
CA GLY C 35 17.77 42.08 -11.36
C GLY C 35 16.70 41.07 -10.98
N LEU C 36 15.81 40.78 -11.93
CA LEU C 36 14.70 39.85 -11.71
C LEU C 36 14.78 38.71 -12.73
N GLU C 37 15.64 37.74 -12.42
CA GLU C 37 15.91 36.63 -13.34
C GLU C 37 15.37 35.31 -12.80
N GLY C 38 14.41 34.73 -13.52
CA GLY C 38 13.92 33.39 -13.23
C GLY C 38 12.76 33.35 -12.24
N PRO C 39 12.17 32.15 -12.07
CA PRO C 39 10.97 31.96 -11.26
C PRO C 39 11.13 32.19 -9.76
N LEU C 40 12.30 31.92 -9.19
CA LEU C 40 12.49 32.13 -7.74
C LEU C 40 12.54 33.61 -7.35
N ASP C 41 13.27 34.42 -8.12
CA ASP C 41 13.30 35.88 -7.96
C ASP C 41 11.89 36.50 -8.07
N LEU C 42 11.11 36.01 -9.02
CA LEU C 42 9.72 36.43 -9.20
C LEU C 42 8.86 36.15 -7.96
N ILE C 43 8.92 34.93 -7.43
CA ILE C 43 8.18 34.56 -6.22
C ILE C 43 8.63 35.46 -5.06
N ASN C 44 9.93 35.56 -4.87
CA ASN C 44 10.48 36.37 -3.79
C ASN C 44 10.03 37.83 -3.85
N TYR C 45 9.97 38.38 -5.07
CA TYR C 45 9.60 39.76 -5.29
C TYR C 45 8.18 40.00 -4.80
N ILE C 46 7.27 39.11 -5.17
CA ILE C 46 5.88 39.18 -4.75
C ILE C 46 5.73 39.04 -3.23
N ASP C 47 6.56 38.17 -2.64
CA ASP C 47 6.65 38.03 -1.19
C ASP C 47 6.98 39.34 -0.49
N VAL C 48 8.01 40.02 -0.98
CA VAL C 48 8.45 41.29 -0.41
C VAL C 48 7.39 42.36 -0.65
N ALA C 49 6.75 42.33 -1.82
CA ALA C 49 5.66 43.25 -2.12
C ALA C 49 4.52 43.12 -1.11
N GLN C 50 4.17 41.88 -0.77
CA GLN C 50 3.16 41.62 0.25
C GLN C 50 3.62 42.10 1.63
N GLN C 51 4.90 41.86 1.95
CA GLN C 51 5.48 42.29 3.23
C GLN C 51 5.50 43.81 3.35
N ASP C 52 5.75 44.49 2.24
CA ASP C 52 5.77 45.95 2.21
C ASP C 52 4.36 46.55 2.19
N GLY C 53 3.39 45.76 1.74
CA GLY C 53 2.00 46.18 1.71
C GLY C 53 1.49 46.60 0.35
N LYS C 54 2.25 46.28 -0.70
CA LYS C 54 1.86 46.66 -2.06
C LYS C 54 0.81 45.71 -2.64
N LEU C 55 0.80 44.48 -2.12
CA LEU C 55 -0.24 43.50 -2.44
C LEU C 55 -0.80 43.00 -1.12
N PRO C 56 -2.07 42.56 -1.11
CA PRO C 56 -2.61 41.99 0.12
C PRO C 56 -2.11 40.55 0.37
N PHE C 57 -2.20 40.08 1.61
CA PHE C 57 -1.90 38.68 1.89
C PHE C 57 -3.06 37.77 1.45
N VAL C 58 -4.28 38.27 1.63
CA VAL C 58 -5.51 37.55 1.27
C VAL C 58 -6.26 38.36 0.20
N PRO C 59 -6.64 37.70 -0.92
CA PRO C 59 -7.40 38.40 -1.95
C PRO C 59 -8.85 38.59 -1.51
N PRO C 60 -9.58 39.52 -2.16
CA PRO C 60 -11.03 39.58 -1.94
C PRO C 60 -11.70 38.30 -2.42
N GLU C 61 -12.94 38.07 -1.99
CA GLU C 61 -13.69 36.88 -2.39
C GLU C 61 -14.16 36.91 -3.84
N GLU C 62 -14.32 38.11 -4.40
CA GLU C 62 -14.78 38.29 -5.77
C GLU C 62 -14.13 37.30 -6.75
N GLU C 63 -14.97 36.58 -7.48
CA GLU C 63 -14.50 35.61 -8.45
C GLU C 63 -14.47 36.21 -9.85
N PHE C 64 -13.41 35.87 -10.59
CA PHE C 64 -13.27 36.27 -11.98
C PHE C 64 -13.12 35.04 -12.85
N ILE C 65 -13.37 35.20 -14.15
CA ILE C 65 -13.22 34.08 -15.08
C ILE C 65 -11.94 34.28 -15.89
N MET C 66 -11.02 33.34 -15.72
CA MET C 66 -9.80 33.32 -16.52
C MET C 66 -9.98 32.37 -17.70
N GLY C 67 -9.95 32.94 -18.91
CA GLY C 67 -10.02 32.15 -20.13
C GLY C 67 -8.63 32.00 -20.71
N VAL C 68 -8.18 30.76 -20.89
CA VAL C 68 -6.89 30.47 -21.50
C VAL C 68 -7.13 29.84 -22.87
N SER C 69 -6.43 30.34 -23.89
CA SER C 69 -6.53 29.83 -25.25
C SER C 69 -5.20 29.94 -25.97
N LYS C 70 -5.17 29.61 -27.27
CA LYS C 70 -3.91 29.73 -28.02
C LYS C 70 -3.41 31.18 -28.16
N TYR C 71 -4.29 32.16 -27.96
CA TYR C 71 -3.90 33.57 -28.04
C TYR C 71 -3.47 34.20 -26.72
N GLY C 72 -3.54 33.45 -25.63
CA GLY C 72 -3.08 33.94 -24.35
C GLY C 72 -4.15 33.86 -23.30
N ILE C 73 -4.16 34.81 -22.39
CA ILE C 73 -5.04 34.76 -21.24
C ILE C 73 -5.96 35.96 -21.18
N LYS C 74 -7.24 35.70 -20.96
CA LYS C 74 -8.23 36.76 -20.79
C LYS C 74 -8.88 36.61 -19.40
N VAL C 75 -8.97 37.71 -18.66
CA VAL C 75 -9.62 37.67 -17.35
C VAL C 75 -10.83 38.60 -17.38
N SER C 76 -11.99 38.06 -16.97
CA SER C 76 -13.27 38.77 -17.05
C SER C 76 -14.05 38.67 -15.77
N THR C 77 -15.03 39.56 -15.60
CA THR C 77 -15.97 39.48 -14.49
C THR C 77 -16.80 38.19 -14.58
N SER C 78 -17.33 37.73 -13.44
CA SER C 78 -18.04 36.44 -13.38
C SER C 78 -19.29 36.39 -14.28
N ASP C 79 -19.85 37.56 -14.56
CA ASP C 79 -20.96 37.69 -15.51
C ASP C 79 -20.46 37.58 -16.96
N GLN C 80 -19.16 37.34 -17.12
CA GLN C 80 -18.42 37.50 -18.39
C GLN C 80 -18.75 38.77 -19.20
N TYR C 81 -19.32 39.77 -18.52
CA TYR C 81 -19.70 41.04 -19.13
C TYR C 81 -18.48 41.91 -19.47
N ASP C 82 -17.48 41.91 -18.59
CA ASP C 82 -16.40 42.89 -18.65
C ASP C 82 -15.02 42.24 -18.59
N VAL C 83 -14.14 42.63 -19.53
CA VAL C 83 -12.78 42.13 -19.57
C VAL C 83 -11.85 43.01 -18.73
N LEU C 84 -11.30 42.45 -17.66
CA LEU C 84 -10.32 43.15 -16.84
C LEU C 84 -8.95 43.25 -17.51
N HIS C 85 -8.41 42.10 -17.91
CA HIS C 85 -7.07 42.04 -18.52
C HIS C 85 -7.03 41.09 -19.67
N ARG C 86 -6.24 41.45 -20.67
CA ARG C 86 -5.83 40.53 -21.72
C ARG C 86 -4.32 40.39 -21.59
N HIS C 87 -3.85 39.15 -21.64
CA HIS C 87 -2.42 38.87 -21.63
C HIS C 87 -2.11 38.14 -22.90
N ALA C 88 -1.70 38.88 -23.93
CA ALA C 88 -1.44 38.28 -25.23
C ALA C 88 -0.20 37.40 -25.19
N LEU C 89 -0.27 36.26 -25.89
CA LEU C 89 0.84 35.32 -25.92
C LEU C 89 2.21 35.96 -26.16
N TYR C 90 2.28 36.86 -27.14
CA TYR C 90 3.55 37.51 -27.50
C TYR C 90 4.22 38.24 -26.35
N LEU C 91 3.41 38.64 -25.38
CA LEU C 91 3.86 39.51 -24.29
C LEU C 91 4.00 38.78 -22.96
N ILE C 92 3.65 37.49 -22.92
CA ILE C 92 3.84 36.71 -21.69
C ILE C 92 5.26 36.17 -21.67
N ILE C 93 5.99 36.45 -20.58
CA ILE C 93 7.33 35.93 -20.42
C ILE C 93 7.30 34.60 -19.65
N ARG C 94 6.62 34.59 -18.52
CA ARG C 94 6.71 33.47 -17.60
C ARG C 94 5.46 33.41 -16.73
N MET C 95 4.99 32.19 -16.49
CA MET C 95 3.97 31.97 -15.49
C MET C 95 4.49 30.97 -14.48
N VAL C 96 4.31 31.31 -13.21
CA VAL C 96 4.79 30.52 -12.12
C VAL C 96 3.63 30.29 -11.16
N CYS C 97 3.45 29.04 -10.76
CA CYS C 97 2.47 28.67 -9.77
C CYS C 97 3.20 28.18 -8.52
N TYR C 98 2.75 28.64 -7.36
CA TYR C 98 3.43 28.33 -6.11
C TYR C 98 2.50 28.42 -4.90
N ASP C 99 2.87 27.73 -3.83
CA ASP C 99 2.10 27.75 -2.60
C ASP C 99 2.31 29.08 -1.88
N ASP C 100 1.24 29.69 -1.41
CA ASP C 100 1.32 30.97 -0.70
C ASP C 100 2.17 30.87 0.56
N GLY C 101 2.25 29.65 1.11
CA GLY C 101 3.05 29.37 2.29
C GLY C 101 2.46 29.85 3.60
N LEU C 102 1.13 30.00 3.65
CA LEU C 102 0.47 30.60 4.81
C LEU C 102 -0.44 29.67 5.61
N GLY C 103 -0.28 28.37 5.46
CA GLY C 103 -1.05 27.39 6.26
C GLY C 103 -2.36 26.99 5.63
N ALA C 104 -3.05 27.96 5.02
CA ALA C 104 -4.25 27.70 4.22
C ALA C 104 -3.92 26.91 2.97
N GLY C 105 -2.65 26.95 2.55
CA GLY C 105 -2.17 26.17 1.42
C GLY C 105 -2.73 26.60 0.07
N LYS C 106 -3.01 27.89 -0.07
CA LYS C 106 -3.56 28.43 -1.30
C LYS C 106 -2.53 28.51 -2.44
N SER C 107 -2.98 28.21 -3.65
CA SER C 107 -2.12 28.22 -4.83
C SER C 107 -2.19 29.55 -5.56
N LEU C 108 -1.04 30.23 -5.64
CA LEU C 108 -0.95 31.50 -6.33
C LEU C 108 -0.38 31.31 -7.75
N LEU C 109 -0.88 32.09 -8.69
CA LEU C 109 -0.35 32.14 -10.05
C LEU C 109 0.22 33.53 -10.30
N ALA C 110 1.50 33.59 -10.61
CA ALA C 110 2.15 34.85 -10.93
C ALA C 110 2.47 34.89 -12.41
N LEU C 111 2.06 35.97 -13.07
CA LEU C 111 2.28 36.13 -14.51
C LEU C 111 3.21 37.31 -14.77
N LYS C 112 4.29 37.07 -15.51
CA LYS C 112 5.20 38.14 -15.87
C LYS C 112 5.01 38.52 -17.33
N THR C 113 4.67 39.79 -17.57
CA THR C 113 4.46 40.29 -18.93
C THR C 113 5.43 41.43 -19.27
N THR C 114 5.53 41.73 -20.56
CA THR C 114 6.44 42.75 -21.05
C THR C 114 5.73 43.64 -22.10
N ASP C 115 6.42 44.69 -22.56
CA ASP C 115 5.86 45.56 -23.57
C ASP C 115 6.48 45.24 -24.94
N ALA C 116 6.01 45.92 -25.98
CA ALA C 116 6.43 45.66 -27.35
C ALA C 116 7.94 45.58 -27.58
N SER C 117 8.69 46.45 -26.91
CA SER C 117 10.12 46.52 -27.15
C SER C 117 10.91 45.82 -26.06
N ASN C 118 10.21 45.13 -25.16
CA ASN C 118 10.82 44.36 -24.08
C ASN C 118 11.68 45.25 -23.14
N GLU C 119 11.18 46.44 -22.84
CA GLU C 119 11.87 47.40 -21.98
C GLU C 119 11.26 47.43 -20.58
N GLU C 120 9.95 47.18 -20.48
CA GLU C 120 9.25 47.27 -19.20
C GLU C 120 8.54 45.97 -18.86
N TYR C 121 8.33 45.73 -17.57
CA TYR C 121 7.76 44.49 -17.07
C TYR C 121 6.57 44.73 -16.15
N SER C 122 5.64 43.79 -16.15
CA SER C 122 4.51 43.84 -15.24
C SER C 122 4.29 42.48 -14.58
N LEU C 123 3.76 42.51 -13.35
CA LEU C 123 3.48 41.29 -12.61
C LEU C 123 2.01 41.23 -12.23
N TRP C 124 1.39 40.08 -12.48
CA TRP C 124 -0.03 39.89 -12.19
C TRP C 124 -0.16 38.66 -11.35
N VAL C 125 -0.83 38.80 -10.22
CA VAL C 125 -0.95 37.71 -9.26
C VAL C 125 -2.42 37.34 -9.06
N TYR C 126 -2.71 36.06 -9.26
CA TYR C 126 -4.05 35.51 -9.08
C TYR C 126 -3.99 34.37 -8.08
N GLN C 127 -5.15 34.03 -7.52
CA GLN C 127 -5.28 32.87 -6.64
C GLN C 127 -6.25 31.86 -7.23
N CYS C 128 -5.86 30.58 -7.22
CA CYS C 128 -6.69 29.49 -7.72
C CYS C 128 -7.40 28.80 -6.57
N ASN C 129 -8.52 28.13 -6.85
CA ASN C 129 -9.25 27.42 -5.80
C ASN C 129 -8.58 26.14 -5.32
N SER C 130 -7.73 25.55 -6.17
CA SER C 130 -6.94 24.39 -5.80
C SER C 130 -5.65 24.33 -6.60
N LEU C 131 -4.70 23.51 -6.15
CA LEU C 131 -3.47 23.27 -6.88
C LEU C 131 -3.73 22.64 -8.26
N GLU C 132 -4.73 21.76 -8.33
CA GLU C 132 -5.12 21.09 -9.57
C GLU C 132 -5.58 22.06 -10.65
N GLN C 133 -6.32 23.08 -10.25
CA GLN C 133 -6.76 24.10 -11.19
C GLN C 133 -5.56 24.86 -11.73
N ALA C 134 -4.63 25.20 -10.84
CA ALA C 134 -3.43 25.92 -11.23
C ALA C 134 -2.66 25.13 -12.28
N GLN C 135 -2.55 23.82 -12.03
CA GLN C 135 -1.84 22.93 -12.93
C GLN C 135 -2.56 22.82 -14.29
N ALA C 136 -3.89 22.76 -14.24
CA ALA C 136 -4.71 22.75 -15.43
C ALA C 136 -4.48 24.02 -16.28
N ILE C 137 -4.42 25.18 -15.63
CA ILE C 137 -4.17 26.46 -16.30
C ILE C 137 -2.81 26.48 -17.00
N CYS C 138 -1.78 26.02 -16.30
CA CYS C 138 -0.42 25.93 -16.85
C CYS C 138 -0.29 24.96 -18.02
N LYS C 139 -1.06 23.87 -17.96
CA LYS C 139 -1.08 22.89 -19.04
C LYS C 139 -1.64 23.50 -20.34
N VAL C 140 -2.72 24.26 -20.24
CA VAL C 140 -3.34 24.90 -21.41
C VAL C 140 -2.44 26.01 -21.97
N LEU C 141 -1.83 26.79 -21.10
CA LEU C 141 -0.85 27.79 -21.54
C LEU C 141 0.34 27.14 -22.25
N SER C 142 0.87 26.04 -21.69
CA SER C 142 1.95 25.30 -22.33
C SER C 142 1.58 24.85 -23.73
N THR C 143 0.34 24.36 -23.87
CA THR C 143 -0.18 23.93 -25.16
C THR C 143 -0.16 25.09 -26.15
N ALA C 144 -0.56 26.28 -25.69
CA ALA C 144 -0.50 27.48 -26.51
C ALA C 144 0.93 27.78 -26.96
N PHE C 145 1.89 27.65 -26.04
CA PHE C 145 3.29 27.88 -26.39
C PHE C 145 3.83 26.89 -27.40
N ASP C 146 3.49 25.61 -27.26
CA ASP C 146 3.93 24.59 -28.21
C ASP C 146 3.16 24.66 -29.54
N SER C 147 1.94 25.17 -29.48
CA SER C 147 1.09 25.27 -30.66
C SER C 147 1.47 26.40 -31.60
N VAL C 148 2.25 27.38 -31.11
CA VAL C 148 2.71 28.50 -31.95
C VAL C 148 4.02 28.20 -32.65
N LEU C 149 4.87 27.42 -31.99
CA LEU C 149 6.18 27.02 -32.53
C LEU C 149 6.08 26.42 -33.92
N THR C 150 5.09 25.54 -34.11
CA THR C 150 4.77 24.91 -35.41
C THR C 150 5.97 24.60 -36.30
N ASP D 12 -9.70 14.13 -12.40
CA ASP D 12 -9.45 12.67 -12.48
C ASP D 12 -8.33 12.23 -11.54
N THR D 13 -8.56 11.14 -10.83
CA THR D 13 -7.64 10.66 -9.80
C THR D 13 -6.89 9.38 -10.22
N CYS D 14 -7.25 8.84 -11.38
CA CYS D 14 -6.72 7.58 -11.89
C CYS D 14 -6.59 7.64 -13.42
N ALA D 15 -5.39 7.44 -13.95
CA ALA D 15 -5.12 7.58 -15.40
C ALA D 15 -3.95 6.72 -15.89
N GLU D 16 -3.93 6.44 -17.19
CA GLU D 16 -2.86 5.64 -17.79
C GLU D 16 -2.16 6.41 -18.91
N PHE D 17 -0.85 6.21 -19.02
CA PHE D 17 -0.03 6.95 -20.00
C PHE D 17 1.02 6.05 -20.65
N ARG D 18 1.21 6.20 -21.95
CA ARG D 18 2.29 5.52 -22.65
C ARG D 18 3.55 6.37 -22.60
N ILE D 19 4.60 5.86 -21.96
CA ILE D 19 5.87 6.58 -21.81
C ILE D 19 7.09 5.73 -22.19
N LYS D 20 8.26 6.36 -22.17
CA LYS D 20 9.54 5.69 -22.39
C LYS D 20 10.35 5.75 -21.10
N TYR D 21 11.37 4.90 -21.00
CA TYR D 21 12.14 4.70 -19.77
C TYR D 21 13.60 5.06 -19.99
N VAL D 22 14.08 6.10 -19.30
CA VAL D 22 15.47 6.52 -19.44
C VAL D 22 16.39 5.62 -18.61
N GLY D 23 15.98 5.31 -17.39
CA GLY D 23 16.77 4.46 -16.50
C GLY D 23 16.57 4.81 -15.04
N ALA D 24 17.34 4.16 -14.19
CA ALA D 24 17.23 4.31 -12.74
C ALA D 24 18.60 4.32 -12.07
N ILE D 25 18.71 5.08 -10.99
CA ILE D 25 19.87 5.02 -10.10
C ILE D 25 19.34 4.62 -8.75
N GLU D 26 19.46 3.34 -8.44
CA GLU D 26 18.83 2.75 -7.26
C GLU D 26 19.76 2.75 -6.05
N LYS D 27 19.16 2.92 -4.87
CA LYS D 27 19.82 2.67 -3.57
C LYS D 27 21.08 3.50 -3.30
N LEU D 28 20.95 4.81 -3.41
CA LEU D 28 22.03 5.74 -3.04
C LEU D 28 22.23 5.79 -1.52
N GLY D 35 22.74 14.68 0.68
CA GLY D 35 23.29 15.84 -0.01
C GLY D 35 22.46 16.26 -1.20
N LEU D 36 21.34 15.57 -1.41
CA LEU D 36 20.47 15.81 -2.57
C LEU D 36 19.17 16.47 -2.13
N GLU D 37 19.18 17.80 -2.00
CA GLU D 37 18.01 18.51 -1.47
C GLU D 37 17.28 19.36 -2.50
N GLY D 38 16.01 19.07 -2.70
CA GLY D 38 15.13 19.85 -3.60
C GLY D 38 15.19 19.46 -5.06
N PRO D 39 14.37 20.11 -5.89
CA PRO D 39 14.27 19.71 -7.30
C PRO D 39 15.51 20.05 -8.15
N LEU D 40 16.24 21.12 -7.84
CA LEU D 40 17.38 21.53 -8.66
C LEU D 40 18.58 20.58 -8.54
N ASP D 41 18.89 20.19 -7.30
CA ASP D 41 19.86 19.11 -7.05
C ASP D 41 19.45 17.84 -7.77
N LEU D 42 18.17 17.51 -7.73
CA LEU D 42 17.67 16.32 -8.41
C LEU D 42 17.99 16.34 -9.92
N ILE D 43 17.68 17.45 -10.59
CA ILE D 43 17.91 17.59 -12.03
C ILE D 43 19.40 17.54 -12.32
N ASN D 44 20.18 18.26 -11.51
CA ASN D 44 21.61 18.33 -11.75
C ASN D 44 22.28 16.97 -11.65
N TYR D 45 21.80 16.16 -10.68
CA TYR D 45 22.33 14.83 -10.45
C TYR D 45 22.13 13.96 -11.68
N ILE D 46 20.92 14.01 -12.24
CA ILE D 46 20.59 13.25 -13.44
C ILE D 46 21.41 13.74 -14.64
N ASP D 47 21.65 15.05 -14.75
CA ASP D 47 22.54 15.60 -15.79
C ASP D 47 23.96 15.04 -15.73
N VAL D 48 24.51 14.93 -14.51
CA VAL D 48 25.88 14.45 -14.34
C VAL D 48 25.96 12.94 -14.59
N ALA D 49 24.92 12.23 -14.17
CA ALA D 49 24.81 10.80 -14.48
C ALA D 49 24.78 10.58 -16.00
N GLN D 50 24.06 11.43 -16.73
CA GLN D 50 24.04 11.36 -18.19
C GLN D 50 25.42 11.66 -18.79
N GLN D 51 26.09 12.67 -18.24
CA GLN D 51 27.45 13.00 -18.67
C GLN D 51 28.44 11.85 -18.44
N ASP D 52 28.26 11.11 -17.36
CA ASP D 52 29.17 10.01 -17.00
C ASP D 52 28.77 8.67 -17.62
N GLY D 53 27.68 8.67 -18.37
CA GLY D 53 27.20 7.46 -19.04
C GLY D 53 26.39 6.48 -18.22
N LYS D 54 26.12 6.80 -16.95
CA LYS D 54 25.31 5.94 -16.08
C LYS D 54 23.85 5.88 -16.57
N LEU D 55 23.38 6.97 -17.17
CA LEU D 55 22.09 7.01 -17.84
C LEU D 55 22.32 7.47 -19.29
N PRO D 56 21.44 7.06 -20.22
CA PRO D 56 21.57 7.48 -21.61
C PRO D 56 20.90 8.82 -21.91
N PHE D 57 21.34 9.49 -22.98
CA PHE D 57 20.69 10.71 -23.44
C PHE D 57 19.38 10.40 -24.15
N VAL D 58 19.37 9.34 -24.96
CA VAL D 58 18.18 8.93 -25.70
C VAL D 58 17.71 7.57 -25.17
N PRO D 59 16.46 7.49 -24.70
CA PRO D 59 15.92 6.23 -24.19
C PRO D 59 15.70 5.20 -25.31
N PRO D 60 15.67 3.90 -24.97
CA PRO D 60 15.26 2.91 -25.97
C PRO D 60 13.79 3.10 -26.37
N GLU D 61 13.44 2.62 -27.56
CA GLU D 61 12.14 2.89 -28.16
C GLU D 61 10.95 2.25 -27.44
N GLU D 62 11.21 1.11 -26.79
CA GLU D 62 10.20 0.35 -26.05
C GLU D 62 9.32 1.25 -25.19
N GLU D 63 8.01 1.16 -25.40
CA GLU D 63 7.05 1.95 -24.63
C GLU D 63 6.49 1.18 -23.45
N PHE D 64 6.31 1.88 -22.33
CA PHE D 64 5.75 1.29 -21.13
C PHE D 64 4.46 2.00 -20.76
N ILE D 65 3.68 1.38 -19.88
CA ILE D 65 2.42 1.96 -19.43
C ILE D 65 2.58 2.44 -17.99
N MET D 66 2.46 3.75 -17.81
CA MET D 66 2.47 4.33 -16.47
C MET D 66 1.04 4.51 -16.00
N GLY D 67 0.71 3.87 -14.89
CA GLY D 67 -0.60 4.00 -14.28
C GLY D 67 -0.50 4.76 -12.98
N VAL D 68 -1.24 5.86 -12.88
CA VAL D 68 -1.25 6.69 -11.69
C VAL D 68 -2.62 6.56 -11.06
N SER D 69 -2.63 6.27 -9.75
CA SER D 69 -3.86 6.18 -8.96
C SER D 69 -3.55 6.57 -7.52
N LYS D 70 -4.53 6.44 -6.63
CA LYS D 70 -4.33 6.70 -5.20
C LYS D 70 -3.35 5.72 -4.53
N TYR D 71 -3.10 4.58 -5.16
CA TYR D 71 -2.08 3.66 -4.68
C TYR D 71 -0.68 4.22 -4.92
N GLY D 72 -0.52 4.93 -6.03
CA GLY D 72 0.79 5.45 -6.43
C GLY D 72 1.01 5.29 -7.93
N ILE D 73 2.24 4.99 -8.31
CA ILE D 73 2.58 4.88 -9.73
C ILE D 73 3.01 3.48 -10.04
N LYS D 74 2.38 2.90 -11.06
CA LYS D 74 2.61 1.54 -11.47
C LYS D 74 3.15 1.56 -12.89
N VAL D 75 4.25 0.85 -13.11
CA VAL D 75 4.85 0.79 -14.44
C VAL D 75 4.73 -0.65 -14.94
N SER D 76 4.19 -0.78 -16.15
CA SER D 76 3.99 -2.09 -16.77
C SER D 76 4.46 -2.07 -18.21
N THR D 77 4.73 -3.27 -18.74
CA THR D 77 5.07 -3.45 -20.13
C THR D 77 3.84 -3.12 -20.96
N SER D 78 4.06 -2.67 -22.20
CA SER D 78 2.96 -2.18 -23.06
C SER D 78 1.83 -3.20 -23.25
N ASP D 79 2.13 -4.49 -23.05
CA ASP D 79 1.15 -5.57 -23.16
C ASP D 79 0.28 -5.66 -21.90
N GLN D 80 0.77 -5.06 -20.82
CA GLN D 80 0.16 -5.14 -19.48
C GLN D 80 0.33 -6.53 -18.84
N TYR D 81 1.25 -7.31 -19.38
CA TYR D 81 1.57 -8.62 -18.83
C TYR D 81 2.45 -8.52 -17.57
N ASP D 82 3.57 -7.79 -17.67
CA ASP D 82 4.53 -7.69 -16.57
C ASP D 82 4.47 -6.34 -15.84
N VAL D 83 4.40 -6.41 -14.51
CA VAL D 83 4.52 -5.23 -13.66
C VAL D 83 5.99 -5.09 -13.26
N LEU D 84 6.61 -3.97 -13.64
CA LEU D 84 8.01 -3.75 -13.27
C LEU D 84 8.09 -3.28 -11.83
N HIS D 85 7.42 -2.17 -11.53
CA HIS D 85 7.46 -1.57 -10.20
C HIS D 85 6.15 -1.01 -9.77
N ARG D 86 5.89 -1.09 -8.47
CA ARG D 86 4.85 -0.31 -7.83
C ARG D 86 5.52 0.75 -6.96
N HIS D 87 5.47 2.00 -7.40
CA HIS D 87 5.98 3.11 -6.62
C HIS D 87 4.86 3.64 -5.76
N ALA D 88 4.87 3.22 -4.49
CA ALA D 88 3.82 3.54 -3.54
C ALA D 88 3.78 5.01 -3.13
N LEU D 89 2.57 5.58 -3.11
CA LEU D 89 2.37 6.97 -2.74
C LEU D 89 3.17 7.37 -1.49
N TYR D 90 3.17 6.49 -0.48
CA TYR D 90 3.82 6.76 0.79
C TYR D 90 5.34 6.85 0.68
N LEU D 91 5.87 6.32 -0.41
CA LEU D 91 7.31 6.20 -0.58
C LEU D 91 7.89 7.16 -1.62
N ILE D 92 7.01 7.82 -2.37
CA ILE D 92 7.40 8.85 -3.32
C ILE D 92 7.72 10.12 -2.55
N ILE D 93 8.89 10.68 -2.81
CA ILE D 93 9.25 11.94 -2.18
C ILE D 93 8.92 13.13 -3.06
N ARG D 94 9.24 13.03 -4.33
CA ARG D 94 9.16 14.16 -5.22
C ARG D 94 9.11 13.66 -6.65
N MET D 95 8.30 14.34 -7.47
CA MET D 95 8.38 14.17 -8.91
C MET D 95 8.59 15.52 -9.56
N VAL D 96 9.54 15.55 -10.49
CA VAL D 96 9.94 16.77 -11.17
C VAL D 96 9.89 16.53 -12.68
N CYS D 97 9.17 17.40 -13.37
CA CYS D 97 9.15 17.42 -14.82
C CYS D 97 10.07 18.54 -15.29
N TYR D 98 10.94 18.23 -16.26
CA TYR D 98 11.86 19.22 -16.80
C TYR D 98 12.24 18.94 -18.25
N ASP D 99 12.75 19.96 -18.91
CA ASP D 99 13.23 19.85 -20.29
C ASP D 99 14.65 19.28 -20.33
N ASP D 100 14.89 18.32 -21.23
CA ASP D 100 16.23 17.71 -21.33
C ASP D 100 17.29 18.72 -21.74
N GLY D 101 16.86 19.74 -22.49
CA GLY D 101 17.73 20.83 -22.94
C GLY D 101 18.70 20.45 -24.05
N LEU D 102 18.33 19.48 -24.87
CA LEU D 102 19.23 18.98 -25.93
C LEU D 102 18.96 19.55 -27.32
N GLY D 103 17.72 19.95 -27.57
CA GLY D 103 17.34 20.47 -28.90
C GLY D 103 16.01 19.92 -29.34
N ALA D 104 15.84 18.61 -29.22
CA ALA D 104 14.56 17.93 -29.50
C ALA D 104 13.45 18.40 -28.57
N GLY D 105 13.82 19.03 -27.46
CA GLY D 105 12.84 19.59 -26.52
C GLY D 105 12.01 18.55 -25.80
N LYS D 106 12.62 17.40 -25.52
CA LYS D 106 11.95 16.31 -24.82
C LYS D 106 11.72 16.65 -23.34
N SER D 107 10.60 16.17 -22.81
CA SER D 107 10.26 16.35 -21.41
C SER D 107 10.54 15.08 -20.64
N LEU D 108 11.29 15.21 -19.54
CA LEU D 108 11.60 14.06 -18.70
C LEU D 108 10.88 14.18 -17.36
N LEU D 109 10.58 13.03 -16.75
CA LEU D 109 10.06 12.95 -15.41
C LEU D 109 11.07 12.25 -14.53
N ALA D 110 11.49 12.93 -13.46
CA ALA D 110 12.33 12.31 -12.45
C ALA D 110 11.51 12.06 -11.19
N LEU D 111 11.48 10.82 -10.77
CA LEU D 111 10.80 10.41 -9.55
C LEU D 111 11.83 10.02 -8.49
N LYS D 112 11.72 10.64 -7.33
CA LYS D 112 12.57 10.30 -6.19
C LYS D 112 11.74 9.53 -5.16
N THR D 113 12.23 8.36 -4.77
CA THR D 113 11.54 7.49 -3.82
C THR D 113 12.47 7.10 -2.66
N THR D 114 11.86 6.60 -1.57
CA THR D 114 12.59 6.00 -0.45
C THR D 114 12.17 4.56 -0.20
N ASP D 115 12.82 3.96 0.78
CA ASP D 115 12.43 2.68 1.32
C ASP D 115 11.58 2.93 2.57
N ALA D 116 11.00 1.86 3.13
CA ALA D 116 10.06 1.96 4.25
C ALA D 116 10.63 2.64 5.48
N SER D 117 11.93 2.51 5.68
CA SER D 117 12.60 3.10 6.83
C SER D 117 13.21 4.46 6.51
N ASN D 118 13.08 4.90 5.26
CA ASN D 118 13.54 6.23 4.82
C ASN D 118 15.05 6.40 5.01
N GLU D 119 15.81 5.36 4.69
CA GLU D 119 17.25 5.37 4.84
C GLU D 119 17.97 5.41 3.50
N GLU D 120 17.29 4.93 2.46
CA GLU D 120 17.84 4.91 1.11
C GLU D 120 16.90 5.60 0.12
N TYR D 121 17.46 6.06 -0.99
CA TYR D 121 16.73 6.78 -2.01
C TYR D 121 16.95 6.17 -3.39
N SER D 122 15.96 6.27 -4.27
CA SER D 122 16.13 5.83 -5.65
C SER D 122 15.61 6.89 -6.62
N LEU D 123 16.20 6.94 -7.81
CA LEU D 123 15.83 7.91 -8.82
C LEU D 123 15.37 7.18 -10.07
N TRP D 124 14.19 7.55 -10.56
CA TRP D 124 13.60 6.90 -11.73
C TRP D 124 13.33 7.94 -12.75
N VAL D 125 13.80 7.72 -13.97
CA VAL D 125 13.69 8.75 -15.02
C VAL D 125 12.94 8.24 -16.25
N TYR D 126 11.86 8.95 -16.58
CA TYR D 126 11.03 8.58 -17.73
C TYR D 126 11.00 9.70 -18.75
N GLN D 127 10.71 9.35 -20.01
CA GLN D 127 10.54 10.35 -21.07
C GLN D 127 9.12 10.29 -21.59
N CYS D 128 8.48 11.46 -21.67
CA CYS D 128 7.10 11.59 -22.13
C CYS D 128 7.08 11.98 -23.60
N ASN D 129 5.96 11.74 -24.28
CA ASN D 129 5.86 12.10 -25.70
C ASN D 129 5.65 13.59 -25.94
N SER D 130 5.19 14.30 -24.91
CA SER D 130 5.08 15.76 -24.95
C SER D 130 5.10 16.35 -23.55
N LEU D 131 5.24 17.68 -23.50
CA LEU D 131 5.19 18.41 -22.25
C LEU D 131 3.82 18.28 -21.59
N GLU D 132 2.76 18.36 -22.38
CA GLU D 132 1.40 18.25 -21.85
C GLU D 132 1.15 16.91 -21.17
N GLN D 133 1.63 15.82 -21.77
CA GLN D 133 1.55 14.50 -21.12
C GLN D 133 2.24 14.52 -19.76
N ALA D 134 3.47 15.03 -19.72
CA ALA D 134 4.22 15.14 -18.47
C ALA D 134 3.46 15.96 -17.42
N GLN D 135 2.85 17.06 -17.85
CA GLN D 135 2.05 17.87 -16.95
C GLN D 135 0.76 17.17 -16.50
N ALA D 136 0.16 16.39 -17.38
CA ALA D 136 -1.01 15.57 -17.02
C ALA D 136 -0.68 14.57 -15.92
N ILE D 137 0.47 13.92 -16.05
CA ILE D 137 0.93 12.93 -15.08
C ILE D 137 1.14 13.57 -13.71
N CYS D 138 1.81 14.73 -13.70
CA CYS D 138 2.01 15.51 -12.48
C CYS D 138 0.70 15.98 -11.85
N LYS D 139 -0.27 16.31 -12.70
CA LYS D 139 -1.57 16.76 -12.20
C LYS D 139 -2.30 15.63 -11.48
N VAL D 140 -2.35 14.46 -12.10
CA VAL D 140 -3.01 13.30 -11.49
C VAL D 140 -2.29 12.88 -10.21
N LEU D 141 -0.96 12.83 -10.25
CA LEU D 141 -0.18 12.53 -9.04
C LEU D 141 -0.53 13.50 -7.89
N SER D 142 -0.54 14.80 -8.18
CA SER D 142 -0.92 15.80 -7.19
C SER D 142 -2.32 15.57 -6.63
N THR D 143 -3.24 15.19 -7.51
CA THR D 143 -4.63 14.95 -7.14
C THR D 143 -4.72 13.73 -6.23
N ALA D 144 -3.86 12.75 -6.49
CA ALA D 144 -3.78 11.56 -5.66
C ALA D 144 -3.33 11.92 -4.24
N PHE D 145 -2.24 12.69 -4.15
CA PHE D 145 -1.70 13.16 -2.86
C PHE D 145 -2.75 13.92 -2.06
N ASP D 146 -3.42 14.87 -2.71
CA ASP D 146 -4.44 15.70 -2.03
C ASP D 146 -5.68 14.89 -1.63
N SER D 147 -5.99 13.87 -2.42
CA SER D 147 -7.14 13.01 -2.19
C SER D 147 -6.95 12.12 -0.95
N VAL D 148 -5.74 11.59 -0.76
CA VAL D 148 -5.46 10.75 0.40
C VAL D 148 -5.15 11.57 1.65
N LEU D 149 -4.84 12.85 1.46
CA LEU D 149 -4.56 13.77 2.57
C LEU D 149 -5.85 14.17 3.31
N THR D 150 -6.99 14.04 2.63
CA THR D 150 -8.34 14.32 3.18
C THR D 150 -8.38 15.44 4.23
N GLU E 13 -19.82 -44.82 1.28
CA GLU E 13 -18.72 -45.81 1.12
C GLU E 13 -17.97 -45.65 -0.21
N ASP E 14 -18.57 -46.14 -1.31
CA ASP E 14 -17.92 -46.09 -2.61
C ASP E 14 -18.01 -44.70 -3.25
N ALA E 15 -16.91 -43.94 -3.15
CA ALA E 15 -16.89 -42.57 -3.65
C ALA E 15 -16.14 -42.42 -4.97
N TYR E 16 -16.88 -42.11 -6.03
CA TYR E 16 -16.28 -41.76 -7.30
C TYR E 16 -16.14 -40.25 -7.36
N VAL E 17 -15.08 -39.78 -8.00
CA VAL E 17 -14.74 -38.37 -7.95
C VAL E 17 -14.52 -37.75 -9.34
N ALA E 18 -15.25 -36.66 -9.59
CA ALA E 18 -15.06 -35.88 -10.80
C ALA E 18 -14.35 -34.57 -10.46
N VAL E 19 -13.06 -34.51 -10.78
CA VAL E 19 -12.27 -33.29 -10.63
C VAL E 19 -12.39 -32.50 -11.93
N ILE E 20 -13.06 -31.36 -11.85
CA ILE E 20 -13.39 -30.56 -13.03
C ILE E 20 -12.78 -29.17 -12.94
N ARG E 21 -12.29 -28.67 -14.08
CA ARG E 21 -11.83 -27.29 -14.18
C ARG E 21 -12.40 -26.59 -15.42
N PRO E 22 -12.68 -25.29 -15.32
CA PRO E 22 -13.04 -24.53 -16.51
C PRO E 22 -11.80 -24.18 -17.34
N LYS E 23 -11.98 -23.97 -18.64
CA LYS E 23 -10.86 -23.63 -19.53
C LYS E 23 -10.50 -22.15 -19.45
N SER E 27 -18.43 -18.14 -21.05
CA SER E 27 -18.39 -19.29 -20.14
C SER E 27 -18.73 -18.87 -18.72
N LEU E 28 -19.06 -19.87 -17.92
CA LEU E 28 -19.22 -19.77 -16.46
C LEU E 28 -20.42 -18.94 -16.00
N ASN E 29 -20.45 -17.67 -16.41
CA ASN E 29 -21.58 -16.81 -16.11
C ASN E 29 -22.68 -16.90 -17.18
N SER E 30 -22.45 -17.76 -18.18
CA SER E 30 -23.41 -17.97 -19.26
C SER E 30 -24.51 -18.96 -18.91
N ARG E 31 -25.71 -18.73 -19.45
CA ARG E 31 -26.83 -19.66 -19.29
C ARG E 31 -26.74 -20.83 -20.28
N GLU E 32 -25.90 -20.67 -21.30
CA GLU E 32 -25.63 -21.74 -22.24
C GLU E 32 -24.46 -22.58 -21.74
N TYR E 33 -24.67 -23.89 -21.70
CA TYR E 33 -23.63 -24.84 -21.32
C TYR E 33 -22.90 -25.32 -22.56
N ARG E 34 -21.58 -25.28 -22.49
CA ARG E 34 -20.71 -25.81 -23.53
C ARG E 34 -19.76 -26.79 -22.86
N ALA E 35 -19.88 -28.06 -23.23
CA ALA E 35 -18.99 -29.12 -22.70
C ALA E 35 -17.50 -28.88 -23.00
N LYS E 36 -17.21 -28.19 -24.10
CA LYS E 36 -15.83 -27.90 -24.48
C LYS E 36 -15.14 -26.87 -23.56
N SER E 37 -15.93 -26.21 -22.71
CA SER E 37 -15.40 -25.26 -21.72
C SER E 37 -14.75 -25.93 -20.50
N TYR E 38 -14.94 -27.24 -20.38
CA TYR E 38 -14.51 -27.99 -19.20
C TYR E 38 -13.58 -29.15 -19.48
N GLU E 39 -12.78 -29.49 -18.46
CA GLU E 39 -11.93 -30.68 -18.48
C GLU E 39 -12.16 -31.48 -17.20
N ILE E 40 -11.89 -32.78 -17.28
CA ILE E 40 -12.11 -33.70 -16.15
C ILE E 40 -10.97 -34.72 -16.03
N LEU E 41 -10.64 -35.14 -14.82
CA LEU E 41 -9.56 -36.11 -14.60
C LEU E 41 -10.03 -37.55 -14.71
N LEU E 42 -9.24 -38.38 -15.42
CA LEU E 42 -9.54 -39.80 -15.56
C LEU E 42 -8.29 -40.64 -15.50
N HIS E 43 -8.46 -41.91 -15.14
CA HIS E 43 -7.39 -42.90 -15.20
C HIS E 43 -7.38 -43.62 -16.51
N GLU E 44 -6.37 -44.45 -16.70
CA GLU E 44 -6.32 -45.42 -17.79
C GLU E 44 -5.99 -46.79 -17.20
N VAL E 45 -7.00 -47.66 -17.13
CA VAL E 45 -6.83 -49.00 -16.55
C VAL E 45 -6.96 -50.09 -17.62
N PRO E 46 -5.92 -50.94 -17.75
CA PRO E 46 -5.93 -52.04 -18.73
C PRO E 46 -6.98 -53.10 -18.41
N LYS E 55 -11.92 -48.83 -20.48
CA LYS E 55 -10.56 -48.72 -19.94
C LYS E 55 -10.37 -47.45 -19.11
N LYS E 56 -10.98 -46.35 -19.54
CA LYS E 56 -10.94 -45.09 -18.80
C LYS E 56 -11.93 -45.11 -17.64
N VAL E 57 -11.47 -44.70 -16.46
CA VAL E 57 -12.31 -44.65 -15.25
C VAL E 57 -12.11 -43.36 -14.46
N LEU E 58 -13.16 -42.97 -13.72
CA LEU E 58 -13.08 -41.86 -12.77
C LEU E 58 -12.28 -42.28 -11.54
N LEU E 59 -11.76 -41.30 -10.80
CA LEU E 59 -11.05 -41.57 -9.56
C LEU E 59 -12.03 -42.10 -8.50
N GLU E 60 -11.53 -42.92 -7.58
CA GLU E 60 -12.39 -43.63 -6.63
C GLU E 60 -11.68 -43.84 -5.28
N THR E 61 -12.46 -43.82 -4.20
CA THR E 61 -12.00 -44.25 -2.87
C THR E 61 -13.15 -44.71 -1.99
N LYS E 62 -12.83 -45.59 -1.04
CA LYS E 62 -13.78 -45.99 -0.01
C LYS E 62 -13.69 -45.00 1.15
N LEU E 63 -14.80 -44.82 1.87
CA LEU E 63 -14.84 -43.93 3.02
C LEU E 63 -15.62 -44.50 4.20
N GLN E 64 -15.26 -44.06 5.41
CA GLN E 64 -15.92 -44.46 6.64
C GLN E 64 -15.89 -43.36 7.69
N SER E 67 -12.69 -40.56 7.08
CA SER E 67 -13.75 -40.50 8.09
C SER E 67 -14.75 -39.38 7.79
N GLU E 68 -14.26 -38.14 7.73
CA GLU E 68 -15.07 -36.98 7.39
C GLU E 68 -15.01 -36.76 5.87
N ILE E 69 -16.18 -36.69 5.25
CA ILE E 69 -16.32 -36.74 3.79
C ILE E 69 -15.48 -35.70 3.01
N THR E 70 -15.76 -34.41 3.23
CA THR E 70 -15.11 -33.33 2.48
C THR E 70 -13.58 -33.38 2.57
N GLN E 71 -13.05 -33.48 3.79
CA GLN E 71 -11.61 -33.51 3.99
C GLN E 71 -10.99 -34.78 3.40
N GLY E 72 -11.74 -35.89 3.45
CA GLY E 72 -11.30 -37.16 2.87
C GLY E 72 -11.07 -37.10 1.37
N ILE E 73 -12.07 -36.62 0.63
CA ILE E 73 -11.98 -36.53 -0.82
C ILE E 73 -10.91 -35.52 -1.24
N LEU E 74 -10.88 -34.37 -0.55
CA LEU E 74 -9.90 -33.34 -0.84
C LEU E 74 -8.47 -33.80 -0.60
N ASP E 75 -8.25 -34.56 0.47
CA ASP E 75 -6.91 -35.09 0.76
C ASP E 75 -6.51 -36.17 -0.25
N TYR E 76 -7.48 -37.01 -0.61
CA TYR E 76 -7.27 -38.04 -1.61
C TYR E 76 -6.91 -37.43 -2.98
N VAL E 77 -7.69 -36.43 -3.41
CA VAL E 77 -7.39 -35.72 -4.67
C VAL E 77 -5.96 -35.14 -4.64
N VAL E 78 -5.58 -34.53 -3.52
CA VAL E 78 -4.23 -34.00 -3.34
C VAL E 78 -3.18 -35.11 -3.47
N GLU E 79 -3.41 -36.24 -2.79
CA GLU E 79 -2.46 -37.34 -2.74
C GLU E 79 -2.27 -38.01 -4.10
N THR E 80 -3.37 -38.21 -4.81
CA THR E 80 -3.36 -38.92 -6.08
C THR E 80 -2.86 -38.06 -7.24
N THR E 81 -2.90 -36.74 -7.06
CA THR E 81 -2.54 -35.79 -8.12
C THR E 81 -1.14 -35.19 -7.92
N LYS E 82 -0.36 -35.81 -7.03
CA LYS E 82 0.98 -35.32 -6.72
C LYS E 82 1.96 -35.35 -7.89
N PRO E 83 2.04 -36.48 -8.64
CA PRO E 83 3.05 -36.62 -9.70
C PRO E 83 3.09 -35.50 -10.76
N ILE E 84 1.93 -35.01 -11.19
CA ILE E 84 1.88 -33.96 -12.22
C ILE E 84 2.11 -32.57 -11.63
N ASN E 88 6.46 -32.30 -4.45
CA ASN E 88 5.87 -31.46 -5.48
C ASN E 88 4.66 -30.67 -4.94
N GLN E 89 3.51 -30.77 -5.60
CA GLN E 89 2.32 -30.00 -5.22
C GLN E 89 1.03 -30.53 -5.88
N GLY E 90 0.04 -30.92 -5.07
CA GLY E 90 -1.19 -31.52 -5.58
C GLY E 90 -2.30 -30.53 -5.88
N ILE E 91 -3.37 -31.01 -6.53
CA ILE E 91 -4.54 -30.18 -6.83
C ILE E 91 -5.38 -29.94 -5.56
N ARG E 92 -5.50 -28.67 -5.16
CA ARG E 92 -6.36 -28.31 -4.04
C ARG E 92 -7.77 -28.06 -4.57
N GLY E 93 -8.71 -28.92 -4.20
CA GLY E 93 -10.09 -28.76 -4.58
C GLY E 93 -10.72 -27.63 -3.79
N LYS E 94 -11.62 -26.88 -4.42
CA LYS E 94 -12.27 -25.74 -3.77
C LYS E 94 -13.30 -26.19 -2.73
N ARG E 95 -13.98 -27.30 -3.03
CA ARG E 95 -15.04 -27.86 -2.20
C ARG E 95 -15.34 -29.28 -2.70
N VAL E 96 -16.31 -29.93 -2.07
CA VAL E 96 -16.81 -31.23 -2.49
C VAL E 96 -18.33 -31.20 -2.52
N VAL E 97 -18.91 -31.54 -3.67
CA VAL E 97 -20.35 -31.50 -3.86
C VAL E 97 -20.84 -32.88 -4.28
N LEU E 98 -21.77 -33.45 -3.53
CA LEU E 98 -22.42 -34.68 -3.95
C LEU E 98 -23.39 -34.36 -5.08
N MET E 99 -23.16 -34.96 -6.25
CA MET E 99 -24.06 -34.78 -7.39
C MET E 99 -25.27 -35.70 -7.29
N LYS E 100 -25.01 -37.00 -7.29
CA LYS E 100 -26.06 -38.01 -7.42
C LYS E 100 -25.54 -39.36 -6.93
N LYS E 101 -26.45 -40.19 -6.46
CA LYS E 101 -26.12 -41.57 -6.11
C LYS E 101 -26.56 -42.49 -7.24
N PHE E 102 -25.72 -43.46 -7.56
CA PHE E 102 -25.98 -44.37 -8.68
C PHE E 102 -26.29 -45.79 -8.19
N PRO E 103 -27.58 -46.19 -8.27
CA PRO E 103 -27.96 -47.54 -7.85
C PRO E 103 -27.17 -48.62 -8.57
N LEU E 104 -26.75 -49.63 -7.81
CA LEU E 104 -26.04 -50.79 -8.34
C LEU E 104 -26.81 -52.05 -7.97
N ASP E 105 -27.95 -52.27 -8.63
CA ASP E 105 -28.77 -53.45 -8.39
C ASP E 105 -28.16 -54.70 -9.06
N GLY E 106 -28.96 -55.71 -9.43
CA GLY E 106 -30.40 -55.77 -9.22
C GLY E 106 -30.92 -57.14 -9.62
N GLU E 107 -31.95 -57.64 -8.93
CA GLU E 107 -32.66 -56.94 -7.88
C GLU E 107 -31.98 -57.09 -6.51
N LYS E 108 -31.46 -55.98 -6.01
CA LYS E 108 -30.74 -55.94 -4.74
C LYS E 108 -30.78 -54.50 -4.22
N MET E 109 -31.37 -54.31 -3.04
CA MET E 109 -31.58 -52.98 -2.48
C MET E 109 -30.40 -52.52 -1.64
N GLY E 110 -30.13 -51.23 -1.66
CA GLY E 110 -29.08 -50.65 -0.81
C GLY E 110 -27.77 -50.32 -1.50
N ARG E 111 -27.36 -51.15 -2.46
CA ARG E 111 -26.09 -50.98 -3.17
C ARG E 111 -26.06 -49.72 -4.04
N GLU E 112 -25.15 -48.80 -3.71
CA GLU E 112 -25.04 -47.52 -4.40
C GLU E 112 -23.59 -47.04 -4.52
N ALA E 113 -23.31 -46.27 -5.57
CA ALA E 113 -22.05 -45.54 -5.69
C ALA E 113 -22.36 -44.05 -5.74
N SER E 114 -21.48 -43.25 -5.13
CA SER E 114 -21.68 -41.82 -5.04
C SER E 114 -20.77 -41.10 -6.00
N LEU E 115 -21.29 -40.06 -6.65
CA LEU E 115 -20.46 -39.21 -7.49
C LEU E 115 -20.29 -37.85 -6.84
N PHE E 116 -19.04 -37.50 -6.56
CA PHE E 116 -18.72 -36.20 -5.99
C PHE E 116 -17.99 -35.35 -7.02
N ILE E 117 -18.44 -34.10 -7.15
CA ILE E 117 -17.74 -33.11 -7.96
C ILE E 117 -16.75 -32.35 -7.08
N VAL E 118 -15.52 -32.24 -7.57
CA VAL E 118 -14.47 -31.46 -6.93
C VAL E 118 -14.00 -30.39 -7.93
N PRO E 119 -14.51 -29.16 -7.79
CA PRO E 119 -14.15 -28.04 -8.67
C PRO E 119 -12.72 -27.55 -8.41
N SER E 120 -12.00 -27.26 -9.50
CA SER E 120 -10.64 -26.76 -9.39
C SER E 120 -10.46 -25.60 -10.36
N VAL E 121 -9.64 -24.63 -9.97
CA VAL E 121 -9.29 -23.52 -10.84
C VAL E 121 -7.78 -23.47 -10.92
N VAL E 122 -7.23 -24.03 -11.99
CA VAL E 122 -5.78 -23.98 -12.25
C VAL E 122 -5.52 -23.52 -13.68
N CYS E 134 -0.68 -40.42 -13.99
CA CYS E 134 -1.71 -41.42 -14.25
C CYS E 134 -3.13 -40.84 -14.38
N PRO E 135 -3.49 -39.83 -13.55
CA PRO E 135 -4.70 -39.07 -13.86
C PRO E 135 -4.42 -37.94 -14.86
N ILE E 136 -5.22 -37.88 -15.93
CA ILE E 136 -5.05 -36.88 -16.98
C ILE E 136 -6.32 -36.06 -17.18
N PHE E 137 -6.16 -34.77 -17.46
CA PHE E 137 -7.27 -33.90 -17.82
C PHE E 137 -7.73 -34.14 -19.26
N TYR E 138 -9.00 -34.49 -19.42
CA TYR E 138 -9.61 -34.66 -20.73
C TYR E 138 -10.77 -33.69 -20.91
N CYS E 139 -10.83 -33.06 -22.07
CA CYS E 139 -11.94 -32.15 -22.41
C CYS E 139 -13.24 -32.93 -22.47
N LEU E 140 -14.29 -32.40 -21.82
CA LEU E 140 -15.59 -33.06 -21.76
C LEU E 140 -16.24 -33.31 -23.12
N GLN E 141 -16.06 -32.40 -24.06
CA GLN E 141 -16.63 -32.54 -25.39
C GLN E 141 -16.18 -33.86 -26.01
N ASP E 142 -14.88 -34.15 -25.90
CA ASP E 142 -14.29 -35.36 -26.44
C ASP E 142 -14.83 -36.63 -25.77
N ILE E 143 -14.97 -36.56 -24.44
CA ILE E 143 -15.49 -37.68 -23.64
C ILE E 143 -16.91 -38.03 -24.06
N MET E 144 -17.76 -37.01 -24.21
CA MET E 144 -19.17 -37.23 -24.53
C MET E 144 -19.39 -37.74 -25.94
N ARG E 145 -18.48 -37.38 -26.85
CA ARG E 145 -18.51 -37.87 -28.22
C ARG E 145 -18.23 -39.37 -28.30
N VAL E 146 -17.35 -39.84 -27.40
CA VAL E 146 -17.03 -41.26 -27.30
C VAL E 146 -18.13 -42.02 -26.55
N CYS E 147 -18.69 -41.40 -25.51
CA CYS E 147 -19.80 -41.97 -24.75
C CYS E 147 -21.07 -42.08 -25.59
N THR E 152 -16.48 -47.61 -26.69
CA THR E 152 -16.39 -47.70 -25.23
C THR E 152 -15.50 -48.89 -24.80
N HIS E 153 -14.29 -48.67 -24.29
CA HIS E 153 -13.61 -47.37 -24.06
C HIS E 153 -13.84 -46.74 -22.71
N PHE E 154 -14.97 -47.05 -22.09
CA PHE E 154 -15.26 -46.63 -20.71
C PHE E 154 -15.83 -47.79 -19.91
N ALA E 155 -15.60 -47.77 -18.60
CA ALA E 155 -16.30 -48.67 -17.70
C ALA E 155 -17.78 -48.30 -17.67
N THR E 156 -18.64 -49.30 -17.65
CA THR E 156 -20.10 -49.11 -17.67
C THR E 156 -20.59 -48.07 -16.66
N LEU E 157 -20.11 -48.19 -15.42
CA LEU E 157 -20.47 -47.25 -14.36
C LEU E 157 -19.90 -45.85 -14.60
N THR E 158 -18.68 -45.78 -15.15
CA THR E 158 -18.04 -44.50 -15.47
C THR E 158 -18.84 -43.76 -16.54
N ALA E 159 -19.25 -44.48 -17.58
CA ALA E 159 -20.08 -43.95 -18.65
C ALA E 159 -21.38 -43.34 -18.12
N ARG E 160 -22.04 -44.06 -17.21
CA ARG E 160 -23.28 -43.58 -16.59
C ARG E 160 -23.04 -42.25 -15.88
N MET E 161 -21.97 -42.18 -15.12
CA MET E 161 -21.64 -40.99 -14.33
C MET E 161 -21.31 -39.79 -15.21
N LEU E 162 -20.51 -39.99 -16.25
CA LEU E 162 -20.16 -38.90 -17.18
C LEU E 162 -21.37 -38.35 -17.94
N ILE E 163 -22.26 -39.24 -18.38
CA ILE E 163 -23.51 -38.82 -19.00
C ILE E 163 -24.34 -37.98 -18.01
N ALA E 164 -24.45 -38.45 -16.76
CA ALA E 164 -25.21 -37.72 -15.74
C ALA E 164 -24.58 -36.37 -15.36
N LEU E 165 -23.25 -36.32 -15.30
CA LEU E 165 -22.53 -35.06 -15.10
C LEU E 165 -22.81 -34.02 -16.21
N ASP E 166 -22.77 -34.48 -17.46
CA ASP E 166 -23.02 -33.61 -18.60
C ASP E 166 -24.41 -32.96 -18.50
N LYS E 167 -25.41 -33.78 -18.19
CA LYS E 167 -26.80 -33.32 -18.03
C LYS E 167 -26.92 -32.35 -16.85
N TRP E 168 -26.24 -32.69 -15.76
CA TRP E 168 -26.21 -31.88 -14.56
C TRP E 168 -25.62 -30.50 -14.79
N LEU E 169 -24.50 -30.42 -15.52
CA LEU E 169 -23.89 -29.14 -15.85
C LEU E 169 -24.77 -28.30 -16.78
N ASP E 170 -25.44 -28.97 -17.71
CA ASP E 170 -26.43 -28.33 -18.58
C ASP E 170 -27.53 -27.68 -17.74
N GLU E 171 -28.08 -28.43 -16.79
CA GLU E 171 -29.13 -27.93 -15.90
C GLU E 171 -28.65 -26.73 -15.07
N ARG E 172 -27.51 -26.88 -14.41
CA ARG E 172 -27.00 -25.84 -13.51
C ARG E 172 -26.65 -24.54 -14.22
N HIS E 173 -26.19 -24.63 -15.46
CA HIS E 173 -25.92 -23.45 -16.28
C HIS E 173 -27.15 -22.64 -16.54
N ALA E 174 -28.26 -23.34 -16.77
CA ALA E 174 -29.52 -22.68 -17.11
C ALA E 174 -30.14 -21.97 -15.92
N GLN E 175 -29.75 -22.35 -14.72
CA GLN E 175 -30.41 -21.84 -13.53
C GLN E 175 -29.88 -20.52 -13.02
N SER E 176 -28.63 -20.20 -13.35
CA SER E 176 -28.02 -18.93 -12.94
C SER E 176 -27.38 -19.05 -11.57
N HIS E 177 -26.22 -18.40 -11.44
CA HIS E 177 -25.41 -18.40 -10.22
C HIS E 177 -24.81 -19.73 -9.84
N PHE E 178 -25.51 -20.83 -10.10
CA PHE E 178 -25.05 -22.17 -9.68
C PHE E 178 -23.64 -22.50 -10.10
N ILE E 179 -23.31 -22.19 -11.36
CA ILE E 179 -21.97 -22.44 -11.93
C ILE E 179 -20.88 -21.56 -11.30
N PRO E 180 -21.04 -20.22 -11.33
CA PRO E 180 -20.12 -19.38 -10.55
C PRO E 180 -19.92 -19.89 -9.12
N ALA E 181 -21.01 -20.10 -8.39
CA ALA E 181 -20.93 -20.55 -7.01
C ALA E 181 -20.18 -21.87 -6.85
N LEU E 182 -20.28 -22.73 -7.85
CA LEU E 182 -19.57 -23.99 -7.83
C LEU E 182 -18.05 -23.78 -7.87
N PHE E 183 -17.59 -22.81 -8.66
CA PHE E 183 -16.16 -22.57 -8.85
C PHE E 183 -15.58 -21.40 -8.05
N ARG E 184 -16.35 -20.84 -7.11
CA ARG E 184 -15.86 -19.71 -6.31
C ARG E 184 -14.70 -20.12 -5.39
N PRO E 185 -13.87 -19.16 -4.96
CA PRO E 185 -12.75 -19.51 -4.09
C PRO E 185 -13.20 -20.28 -2.85
N SER E 186 -12.25 -20.98 -2.23
CA SER E 186 -12.48 -21.77 -1.02
C SER E 186 -12.80 -20.90 0.20
N PRO E 187 -13.46 -21.48 1.22
CA PRO E 187 -13.72 -20.75 2.46
C PRO E 187 -12.50 -19.93 2.97
N LEU E 188 -11.33 -20.55 3.01
CA LEU E 188 -10.10 -19.89 3.50
C LEU E 188 -9.74 -18.62 2.75
N GLU E 189 -9.97 -18.59 1.44
CA GLU E 189 -9.64 -17.41 0.65
C GLU E 189 -10.66 -16.30 0.89
N ARG E 190 -11.81 -16.64 1.46
CA ARG E 190 -12.92 -15.69 1.55
C ARG E 190 -13.20 -15.13 2.95
N ILE E 191 -12.66 -15.76 3.98
CA ILE E 191 -12.98 -15.38 5.35
C ILE E 191 -12.39 -14.00 5.71
N LYS E 192 -13.18 -13.18 6.41
CA LYS E 192 -12.73 -11.85 6.81
C LYS E 192 -12.54 -11.70 8.32
N THR E 193 -13.49 -12.19 9.09
CA THR E 193 -13.45 -12.13 10.55
C THR E 193 -13.98 -13.43 11.11
N ASN E 194 -13.56 -13.75 12.33
CA ASN E 194 -13.99 -14.96 12.99
C ASN E 194 -14.14 -14.65 14.49
N VAL E 195 -15.38 -14.67 14.98
CA VAL E 195 -15.66 -14.35 16.37
C VAL E 195 -16.24 -15.55 17.12
N ILE E 196 -15.49 -16.05 18.11
CA ILE E 196 -15.90 -17.20 18.94
C ILE E 196 -16.37 -16.67 20.30
N ASN E 197 -17.46 -17.23 20.82
CA ASN E 197 -17.88 -16.96 22.18
C ASN E 197 -16.91 -17.67 23.10
N PRO E 198 -16.17 -16.92 23.95
CA PRO E 198 -15.15 -17.54 24.81
C PRO E 198 -15.69 -18.69 25.66
N ALA E 199 -16.93 -18.56 26.14
CA ALA E 199 -17.55 -19.59 26.98
C ALA E 199 -17.58 -20.97 26.32
N TYR E 200 -17.54 -20.98 24.99
CA TYR E 200 -17.54 -22.21 24.20
C TYR E 200 -16.15 -22.62 23.73
N ALA E 201 -15.16 -21.76 23.91
CA ALA E 201 -13.79 -22.08 23.51
C ALA E 201 -13.19 -23.12 24.48
N THR E 202 -13.49 -24.40 24.21
CA THR E 202 -13.08 -25.51 25.06
C THR E 202 -12.51 -26.67 24.25
N VAL F 17 22.56 42.56 11.67
CA VAL F 17 21.81 41.35 11.24
C VAL F 17 21.31 40.57 12.46
N ALA F 18 20.00 40.37 12.53
CA ALA F 18 19.38 39.65 13.64
C ALA F 18 18.69 38.38 13.14
N VAL F 19 19.18 37.24 13.61
CA VAL F 19 18.61 35.94 13.27
C VAL F 19 17.61 35.52 14.34
N ILE F 20 16.35 35.35 13.94
CA ILE F 20 15.26 35.05 14.86
C ILE F 20 14.52 33.76 14.47
N ARG F 21 14.15 32.98 15.46
CA ARG F 21 13.32 31.79 15.24
C ARG F 21 12.19 31.71 16.28
N PRO F 22 11.02 31.20 15.86
CA PRO F 22 9.96 30.99 16.83
C PRO F 22 10.11 29.63 17.54
N LYS F 23 9.52 29.52 18.72
CA LYS F 23 9.47 28.26 19.45
C LYS F 23 8.11 27.60 19.20
N ASN F 24 8.12 26.29 19.01
CA ASN F 24 6.89 25.53 18.76
C ASN F 24 6.21 25.11 20.06
N SER F 27 1.49 31.01 19.34
CA SER F 27 2.59 31.55 18.56
C SER F 27 2.19 31.87 17.12
N LEU F 28 2.92 32.80 16.51
CA LEU F 28 2.92 33.06 15.06
C LEU F 28 1.61 33.62 14.47
N ASN F 29 0.52 32.88 14.68
CA ASN F 29 -0.78 33.24 14.13
C ASN F 29 -1.65 34.04 15.11
N SER F 30 -1.27 34.05 16.38
CA SER F 30 -2.02 34.76 17.43
C SER F 30 -1.88 36.28 17.29
N ARG F 31 -2.94 37.00 17.66
CA ARG F 31 -2.96 38.47 17.59
C ARG F 31 -1.99 39.11 18.59
N GLU F 32 -1.69 38.37 19.66
CA GLU F 32 -0.79 38.83 20.70
C GLU F 32 0.67 38.49 20.37
N TYR F 33 1.57 39.40 20.74
CA TYR F 33 3.01 39.16 20.64
C TYR F 33 3.58 38.79 21.99
N ARG F 34 4.32 37.69 22.05
CA ARG F 34 4.96 37.25 23.27
C ARG F 34 6.47 37.05 23.04
N ALA F 35 7.27 37.79 23.79
CA ALA F 35 8.73 37.74 23.66
C ALA F 35 9.29 36.34 23.92
N LYS F 36 8.64 35.61 24.83
CA LYS F 36 9.05 34.25 25.20
C LYS F 36 8.90 33.21 24.08
N SER F 37 8.17 33.56 23.04
CA SER F 37 7.94 32.67 21.90
C SER F 37 9.08 32.74 20.87
N TYR F 38 9.95 33.74 21.02
CA TYR F 38 11.00 34.01 20.03
C TYR F 38 12.41 33.99 20.62
N GLU F 39 13.36 33.48 19.84
CA GLU F 39 14.76 33.42 20.23
C GLU F 39 15.64 34.16 19.23
N ILE F 40 16.80 34.63 19.69
CA ILE F 40 17.74 35.40 18.87
C ILE F 40 19.20 35.06 19.18
N LEU F 41 20.08 35.31 18.21
CA LEU F 41 21.52 35.08 18.39
C LEU F 41 22.14 36.15 19.28
N ILE F 69 21.80 41.45 -3.56
CA ILE F 69 21.76 42.08 -2.25
C ILE F 69 21.36 41.07 -1.18
N THR F 70 20.19 40.46 -1.35
CA THR F 70 19.68 39.42 -0.45
C THR F 70 20.62 38.22 -0.40
N GLN F 71 21.15 37.86 -1.57
CA GLN F 71 22.10 36.75 -1.73
C GLN F 71 23.34 36.92 -0.84
N GLY F 72 23.80 38.16 -0.69
CA GLY F 72 25.00 38.48 0.10
C GLY F 72 24.88 38.18 1.57
N ILE F 73 23.78 38.62 2.19
CA ILE F 73 23.56 38.42 3.62
C ILE F 73 23.30 36.96 3.95
N LEU F 74 22.52 36.29 3.10
CA LEU F 74 22.24 34.86 3.28
C LEU F 74 23.48 33.97 3.15
N ASP F 75 24.37 34.32 2.22
CA ASP F 75 25.65 33.64 2.07
C ASP F 75 26.57 33.88 3.27
N TYR F 76 26.40 35.03 3.91
CA TYR F 76 27.14 35.38 5.12
C TYR F 76 26.66 34.56 6.31
N VAL F 77 25.35 34.33 6.37
CA VAL F 77 24.72 33.61 7.48
C VAL F 77 25.02 32.10 7.44
N VAL F 78 24.87 31.50 6.25
CA VAL F 78 25.16 30.08 6.05
C VAL F 78 26.60 29.75 6.42
N GLU F 79 27.52 30.65 6.07
CA GLU F 79 28.94 30.47 6.33
C GLU F 79 29.31 30.64 7.80
N THR F 80 28.61 31.54 8.50
CA THR F 80 28.92 31.84 9.90
C THR F 80 28.26 30.90 10.92
N THR F 81 27.25 30.16 10.49
CA THR F 81 26.50 29.27 11.39
C THR F 81 26.82 27.79 11.14
N LYS F 82 27.93 27.53 10.43
CA LYS F 82 28.37 26.17 10.14
C LYS F 82 28.82 25.34 11.36
N PRO F 83 29.39 26.00 12.40
CA PRO F 83 29.74 25.27 13.63
C PRO F 83 28.59 24.50 14.30
N ILE F 84 27.35 24.79 13.93
CA ILE F 84 26.20 24.06 14.47
C ILE F 84 25.34 23.48 13.35
N ILE F 91 23.01 27.43 9.09
CA ILE F 91 21.60 27.78 9.14
C ILE F 91 21.20 28.64 7.94
N ARG F 92 20.27 28.12 7.15
CA ARG F 92 19.75 28.84 6.00
C ARG F 92 18.50 29.61 6.39
N GLY F 93 18.57 30.93 6.31
CA GLY F 93 17.43 31.80 6.57
C GLY F 93 16.44 31.76 5.41
N LYS F 94 15.17 31.96 5.73
CA LYS F 94 14.12 31.94 4.72
C LYS F 94 14.15 33.17 3.81
N ARG F 95 14.53 34.31 4.39
CA ARG F 95 14.65 35.58 3.66
C ARG F 95 15.44 36.62 4.44
N VAL F 96 15.69 37.75 3.79
CA VAL F 96 16.34 38.88 4.44
C VAL F 96 15.43 40.09 4.26
N VAL F 97 15.07 40.73 5.37
CA VAL F 97 14.18 41.90 5.32
C VAL F 97 14.85 43.12 5.95
N LEU F 98 14.98 44.19 5.15
CA LEU F 98 15.45 45.47 5.65
C LEU F 98 14.38 46.08 6.55
N MET F 99 14.79 46.44 7.76
CA MET F 99 13.87 46.93 8.77
C MET F 99 13.50 48.40 8.53
N LEU F 115 19.47 47.78 9.53
CA LEU F 115 19.35 46.48 10.17
C LEU F 115 18.53 45.51 9.34
N PHE F 116 19.07 44.30 9.16
CA PHE F 116 18.39 43.23 8.43
C PHE F 116 17.92 42.13 9.37
N ILE F 117 16.74 41.57 9.08
CA ILE F 117 16.17 40.50 9.87
C ILE F 117 16.24 39.18 9.11
N VAL F 118 16.71 38.14 9.78
CA VAL F 118 16.81 36.80 9.19
C VAL F 118 15.89 35.83 9.93
N PRO F 119 14.69 35.57 9.37
CA PRO F 119 13.78 34.58 9.94
C PRO F 119 14.28 33.17 9.69
N SER F 120 14.10 32.30 10.67
CA SER F 120 14.51 30.90 10.56
C SER F 120 13.49 29.99 11.21
N VAL F 121 13.40 28.76 10.71
CA VAL F 121 12.55 27.74 11.32
C VAL F 121 13.41 26.52 11.66
N VAL F 122 13.75 26.39 12.94
CA VAL F 122 14.57 25.27 13.42
C VAL F 122 13.84 24.51 14.53
N CYS F 134 30.22 29.93 17.76
CA CYS F 134 30.41 31.15 18.54
C CYS F 134 29.09 31.84 18.95
N PRO F 135 28.13 31.99 18.01
CA PRO F 135 26.84 32.55 18.42
C PRO F 135 25.94 31.48 19.05
N ILE F 136 25.24 31.88 20.12
CA ILE F 136 24.27 31.01 20.79
C ILE F 136 22.89 31.67 20.74
N PHE F 137 21.84 30.87 20.83
CA PHE F 137 20.47 31.38 20.89
C PHE F 137 20.07 31.78 22.30
N TYR F 138 19.35 32.89 22.40
CA TYR F 138 18.84 33.39 23.68
C TYR F 138 17.38 33.79 23.51
N CYS F 139 16.54 33.37 24.47
CA CYS F 139 15.12 33.72 24.48
C CYS F 139 14.95 35.22 24.69
N LEU F 140 14.09 35.84 23.87
CA LEU F 140 13.88 37.29 23.89
C LEU F 140 13.29 37.82 25.20
N GLN F 141 12.46 37.01 25.84
CA GLN F 141 11.91 37.33 27.17
C GLN F 141 13.03 37.64 28.16
N ASP F 142 14.09 36.83 28.10
CA ASP F 142 15.26 36.98 28.95
C ASP F 142 16.05 38.24 28.60
N ILE F 143 16.16 38.53 27.31
CA ILE F 143 16.91 39.68 26.81
C ILE F 143 16.23 41.01 27.19
N MET F 144 14.90 40.99 27.29
CA MET F 144 14.14 42.19 27.65
C MET F 144 14.06 42.42 29.16
N ARG F 145 14.80 41.61 29.92
CA ARG F 145 14.87 41.75 31.37
C ARG F 145 16.20 42.34 31.81
N ARG F 160 19.78 49.99 21.40
CA ARG F 160 18.88 50.65 20.45
C ARG F 160 18.17 49.66 19.55
N MET F 161 18.95 48.73 18.98
CA MET F 161 18.44 47.78 17.99
C MET F 161 17.57 46.68 18.60
N LEU F 162 17.84 46.32 19.85
CA LEU F 162 17.03 45.33 20.56
C LEU F 162 15.69 45.91 21.00
N ILE F 163 15.71 47.16 21.45
CA ILE F 163 14.49 47.89 21.85
C ILE F 163 13.59 48.15 20.64
N ALA F 164 14.21 48.47 19.51
CA ALA F 164 13.50 48.70 18.26
C ALA F 164 12.85 47.41 17.74
N LEU F 165 13.59 46.31 17.85
CA LEU F 165 13.11 45.00 17.39
C LEU F 165 11.91 44.50 18.19
N ASP F 166 11.96 44.68 19.52
CA ASP F 166 10.86 44.34 20.40
C ASP F 166 9.61 45.14 19.99
N LYS F 167 9.82 46.45 19.83
CA LYS F 167 8.78 47.39 19.39
C LYS F 167 8.22 46.99 18.02
N TRP F 168 9.12 46.65 17.09
CA TRP F 168 8.75 46.28 15.73
C TRP F 168 7.85 45.07 15.69
N LEU F 169 8.27 44.00 16.38
CA LEU F 169 7.49 42.75 16.44
C LEU F 169 6.13 42.92 17.10
N ASP F 170 6.05 43.77 18.12
CA ASP F 170 4.81 44.04 18.84
C ASP F 170 3.77 44.71 17.95
N GLU F 171 4.23 45.62 17.09
CA GLU F 171 3.39 46.33 16.13
C GLU F 171 2.84 45.37 15.08
N ARG F 172 3.73 44.58 14.48
CA ARG F 172 3.41 43.76 13.31
C ARG F 172 2.50 42.57 13.59
N HIS F 173 2.44 42.13 14.86
CA HIS F 173 1.56 41.02 15.23
C HIS F 173 0.11 41.37 15.08
N ALA F 174 -0.22 42.63 15.32
CA ALA F 174 -1.58 43.12 15.18
C ALA F 174 -1.98 43.28 13.71
N GLN F 175 -1.00 43.29 12.82
CA GLN F 175 -1.26 43.54 11.39
C GLN F 175 -1.96 42.41 10.66
N SER F 176 -1.80 41.18 11.15
CA SER F 176 -2.55 40.03 10.60
C SER F 176 -1.90 39.49 9.35
N HIS F 177 -1.56 38.21 9.40
CA HIS F 177 -0.84 37.49 8.33
C HIS F 177 0.59 37.93 8.17
N PHE F 178 0.98 39.03 8.81
CA PHE F 178 2.33 39.55 8.67
C PHE F 178 3.40 38.61 9.22
N ILE F 179 3.28 38.23 10.49
CA ILE F 179 4.27 37.35 11.13
C ILE F 179 4.36 35.99 10.43
N PRO F 180 3.21 35.30 10.21
CA PRO F 180 3.28 34.03 9.48
C PRO F 180 3.91 34.22 8.10
N ALA F 181 3.68 35.36 7.47
CA ALA F 181 4.26 35.61 6.16
C ALA F 181 5.77 35.87 6.26
N LEU F 182 6.21 36.40 7.40
CA LEU F 182 7.63 36.66 7.61
C LEU F 182 8.43 35.36 7.70
N PHE F 183 7.81 34.31 8.25
CA PHE F 183 8.48 33.04 8.54
C PHE F 183 8.12 31.92 7.56
N ARG F 184 7.48 32.26 6.45
CA ARG F 184 7.07 31.26 5.48
C ARG F 184 8.26 30.72 4.71
N PRO F 185 8.13 29.48 4.17
CA PRO F 185 9.25 28.84 3.48
C PRO F 185 9.78 29.64 2.30
N SER F 186 10.95 29.24 1.80
CA SER F 186 11.61 29.87 0.67
C SER F 186 10.87 29.61 -0.65
N PRO F 187 11.04 30.51 -1.64
CA PRO F 187 10.49 30.29 -2.99
C PRO F 187 10.66 28.85 -3.50
N LEU F 188 11.86 28.28 -3.35
CA LEU F 188 12.16 26.92 -3.82
C LEU F 188 11.31 25.87 -3.12
N GLU F 189 10.99 26.09 -1.86
CA GLU F 189 10.17 25.13 -1.13
C GLU F 189 8.72 25.22 -1.58
N ARG F 190 8.36 26.33 -2.21
CA ARG F 190 6.96 26.61 -2.51
C ARG F 190 6.58 26.54 -3.99
N ILE F 191 7.56 26.49 -4.89
CA ILE F 191 7.27 26.47 -6.33
C ILE F 191 6.64 25.16 -6.79
N LYS F 192 5.56 25.25 -7.57
CA LYS F 192 4.86 24.08 -8.10
C LYS F 192 5.03 23.92 -9.61
N THR F 193 4.94 25.02 -10.34
CA THR F 193 4.96 25.00 -11.79
C THR F 193 5.72 26.21 -12.34
N ASN F 194 6.33 26.03 -13.50
CA ASN F 194 7.12 27.06 -14.14
C ASN F 194 7.02 26.93 -15.66
N VAL F 195 6.28 27.83 -16.28
CA VAL F 195 6.00 27.79 -17.72
C VAL F 195 6.62 29.03 -18.36
N ILE F 196 7.64 28.84 -19.18
CA ILE F 196 8.27 29.95 -19.87
C ILE F 196 7.82 29.98 -21.34
N ASN F 197 7.70 31.18 -21.89
CA ASN F 197 7.49 31.38 -23.32
C ASN F 197 8.82 31.18 -24.04
N PRO F 198 8.91 30.11 -24.87
CA PRO F 198 10.15 29.76 -25.58
C PRO F 198 10.76 30.91 -26.37
N ALA F 199 9.94 31.88 -26.77
CA ALA F 199 10.42 33.06 -27.50
C ALA F 199 11.35 33.93 -26.63
N TYR F 200 11.14 33.90 -25.32
CA TYR F 200 11.95 34.66 -24.38
C TYR F 200 12.92 33.75 -23.63
N ALA F 201 13.17 32.55 -24.15
CA ALA F 201 14.04 31.60 -23.45
C ALA F 201 15.51 31.93 -23.64
N THR F 202 15.80 32.80 -24.61
CA THR F 202 17.17 33.23 -24.96
C THR F 202 18.12 33.27 -23.76
N GLU G 13 15.65 -36.74 5.02
CA GLU G 13 14.85 -37.90 4.55
C GLU G 13 14.23 -38.68 5.71
N ASP G 14 15.09 -39.24 6.56
CA ASP G 14 14.65 -40.04 7.71
C ASP G 14 14.07 -39.17 8.82
N ALA G 15 12.98 -39.64 9.43
CA ALA G 15 12.28 -38.89 10.46
C ALA G 15 11.86 -39.74 11.66
N TYR G 16 11.72 -39.09 12.82
CA TYR G 16 11.22 -39.73 14.05
C TYR G 16 10.30 -38.77 14.80
N VAL G 17 9.32 -39.31 15.51
CA VAL G 17 8.31 -38.49 16.19
C VAL G 17 8.08 -38.94 17.64
N ALA G 18 8.10 -37.97 18.56
CA ALA G 18 7.79 -38.20 19.96
C ALA G 18 6.55 -37.39 20.37
N VAL G 19 5.48 -38.10 20.67
CA VAL G 19 4.19 -37.48 21.00
C VAL G 19 4.02 -37.35 22.51
N ILE G 20 3.72 -36.13 22.97
CA ILE G 20 3.65 -35.82 24.39
C ILE G 20 2.34 -35.10 24.76
N ARG G 21 1.80 -35.43 25.93
CA ARG G 21 0.64 -34.71 26.47
C ARG G 21 0.77 -34.52 27.98
N PRO G 22 0.26 -33.38 28.51
CA PRO G 22 0.20 -33.18 29.95
C PRO G 22 -0.99 -33.90 30.58
N LYS G 23 -1.04 -33.91 31.91
CA LYS G 23 -2.10 -34.59 32.67
C LYS G 23 -3.34 -33.72 32.83
N SER G 27 0.49 -27.12 36.32
CA SER G 27 1.16 -27.72 35.18
C SER G 27 1.20 -26.75 34.02
N LEU G 28 2.08 -27.04 33.05
CA LEU G 28 2.18 -26.31 31.78
C LEU G 28 2.67 -24.87 31.94
N ASN G 29 1.90 -24.07 32.68
CA ASN G 29 2.33 -22.74 33.11
C ASN G 29 3.31 -22.84 34.29
N SER G 30 3.42 -24.04 34.85
CA SER G 30 4.29 -24.33 35.99
C SER G 30 5.73 -23.88 35.76
N ARG G 31 6.38 -23.47 36.85
CA ARG G 31 7.78 -23.04 36.83
C ARG G 31 8.71 -24.25 36.70
N GLU G 32 8.38 -25.32 37.43
CA GLU G 32 9.20 -26.52 37.49
C GLU G 32 8.81 -27.53 36.42
N TYR G 33 9.81 -28.25 35.90
CA TYR G 33 9.58 -29.39 35.01
C TYR G 33 9.45 -30.68 35.79
N ARG G 34 8.23 -31.23 35.81
CA ARG G 34 7.97 -32.53 36.40
C ARG G 34 7.71 -33.52 35.28
N ALA G 35 8.60 -34.50 35.12
CA ALA G 35 8.49 -35.50 34.06
C ALA G 35 7.26 -36.40 34.23
N LYS G 36 6.76 -36.48 35.47
CA LYS G 36 5.54 -37.23 35.77
C LYS G 36 4.26 -36.53 35.29
N SER G 37 4.37 -35.24 35.01
CA SER G 37 3.25 -34.45 34.47
C SER G 37 2.99 -34.76 32.99
N TYR G 38 3.95 -35.42 32.35
CA TYR G 38 3.91 -35.65 30.91
C TYR G 38 4.00 -37.12 30.52
N GLU G 39 3.31 -37.49 29.44
CA GLU G 39 3.29 -38.86 28.93
C GLU G 39 3.81 -38.93 27.50
N ILE G 40 4.32 -40.09 27.11
CA ILE G 40 4.82 -40.33 25.76
C ILE G 40 4.21 -41.60 25.15
N LEU G 41 4.13 -41.64 23.82
CA LEU G 41 3.59 -42.80 23.11
C LEU G 41 4.65 -43.88 22.86
N LEU G 58 9.25 -45.00 19.02
CA LEU G 58 9.07 -43.81 18.19
C LEU G 58 8.76 -44.18 16.74
N LEU G 59 7.84 -43.43 16.13
CA LEU G 59 7.43 -43.63 14.75
C LEU G 59 8.54 -43.27 13.74
N GLU G 60 8.35 -43.66 12.48
CA GLU G 60 9.36 -43.43 11.44
C GLU G 60 8.75 -43.30 10.05
N THR G 61 9.16 -42.27 9.32
CA THR G 61 8.70 -42.02 7.94
C THR G 61 9.79 -41.35 7.07
N LYS G 62 9.73 -41.62 5.77
CA LYS G 62 10.70 -41.08 4.80
C LYS G 62 10.09 -40.00 3.90
N LEU G 63 10.97 -39.20 3.28
CA LEU G 63 10.56 -38.21 2.29
C LEU G 63 10.98 -38.61 0.88
N SER G 67 6.92 -33.01 -0.21
CA SER G 67 7.60 -31.73 0.02
C SER G 67 7.11 -31.06 1.31
N GLU G 68 5.80 -31.02 1.49
CA GLU G 68 5.17 -30.36 2.63
C GLU G 68 5.46 -31.11 3.93
N ILE G 69 6.24 -30.49 4.81
CA ILE G 69 6.70 -31.13 6.03
C ILE G 69 5.65 -31.02 7.15
N THR G 70 5.06 -29.84 7.29
CA THR G 70 4.03 -29.59 8.33
C THR G 70 2.77 -30.43 8.10
N GLN G 71 2.35 -30.54 6.85
CA GLN G 71 1.21 -31.36 6.47
C GLN G 71 1.57 -32.85 6.54
N GLY G 72 2.83 -33.15 6.24
CA GLY G 72 3.34 -34.53 6.21
C GLY G 72 3.18 -35.32 7.50
N ILE G 73 3.89 -34.89 8.54
CA ILE G 73 3.89 -35.60 9.83
C ILE G 73 2.51 -35.64 10.49
N LEU G 74 1.76 -34.55 10.42
CA LEU G 74 0.44 -34.45 11.04
C LEU G 74 -0.60 -35.41 10.44
N ASP G 75 -0.48 -35.68 9.14
CA ASP G 75 -1.33 -36.67 8.47
C ASP G 75 -1.00 -38.08 8.96
N TYR G 76 0.29 -38.32 9.21
CA TYR G 76 0.79 -39.62 9.64
C TYR G 76 0.40 -39.98 11.08
N VAL G 77 0.33 -38.96 11.93
CA VAL G 77 -0.01 -39.15 13.35
C VAL G 77 -1.47 -39.56 13.55
N VAL G 78 -2.39 -38.79 12.96
CA VAL G 78 -3.83 -39.04 13.09
C VAL G 78 -4.22 -40.40 12.48
N GLU G 79 -3.49 -40.81 11.44
CA GLU G 79 -3.75 -42.08 10.76
C GLU G 79 -3.44 -43.29 11.66
N THR G 80 -2.40 -43.18 12.47
CA THR G 80 -2.03 -44.24 13.42
C THR G 80 -2.56 -43.92 14.83
N LYS G 94 -1.09 -30.83 17.56
CA LYS G 94 -1.04 -29.37 17.62
C LYS G 94 -0.04 -28.77 16.63
N ARG G 95 1.18 -29.33 16.60
CA ARG G 95 2.25 -28.89 15.71
C ARG G 95 3.38 -29.91 15.60
N VAL G 96 4.30 -29.66 14.67
CA VAL G 96 5.49 -30.52 14.51
C VAL G 96 6.72 -29.67 14.76
N VAL G 97 7.50 -30.06 15.76
CA VAL G 97 8.65 -29.26 16.18
C VAL G 97 9.94 -30.06 16.03
N LEU G 98 10.78 -29.62 15.09
CA LEU G 98 12.10 -30.18 14.90
C LEU G 98 12.97 -29.82 16.10
N MET G 99 13.47 -30.83 16.80
CA MET G 99 14.33 -30.61 17.95
C MET G 99 15.80 -30.71 17.57
N LYS G 100 16.24 -31.92 17.24
CA LYS G 100 17.65 -32.20 16.99
C LYS G 100 17.82 -33.15 15.81
N LYS G 101 19.06 -33.27 15.34
CA LYS G 101 19.47 -34.30 14.39
C LYS G 101 20.57 -35.14 15.01
N PHE G 102 20.53 -36.45 14.76
CA PHE G 102 21.48 -37.38 15.36
C PHE G 102 22.33 -38.08 14.30
N PRO G 103 23.66 -37.88 14.35
CA PRO G 103 24.58 -38.52 13.42
C PRO G 103 24.73 -40.02 13.67
N LEU G 104 24.97 -40.77 12.60
CA LEU G 104 25.23 -42.20 12.69
C LEU G 104 26.50 -42.56 11.92
N ASP G 105 27.53 -42.98 12.65
CA ASP G 105 28.81 -43.33 12.06
C ASP G 105 29.26 -44.72 12.50
N ARG G 111 24.39 -38.59 6.54
CA ARG G 111 23.81 -39.73 7.24
C ARG G 111 23.34 -39.34 8.64
N GLU G 112 22.20 -38.65 8.71
CA GLU G 112 21.63 -38.18 9.98
C GLU G 112 20.12 -38.40 10.06
N ALA G 113 19.66 -38.76 11.26
CA ALA G 113 18.24 -38.97 11.52
C ALA G 113 17.66 -37.83 12.35
N SER G 114 16.47 -37.36 11.96
CA SER G 114 15.84 -36.21 12.60
C SER G 114 14.80 -36.60 13.65
N LEU G 115 14.72 -35.78 14.71
CA LEU G 115 13.74 -35.98 15.78
C LEU G 115 12.76 -34.81 15.84
N PHE G 116 11.48 -35.12 15.65
CA PHE G 116 10.41 -34.12 15.75
C PHE G 116 9.57 -34.37 17.00
N ILE G 117 8.97 -33.29 17.52
CA ILE G 117 8.08 -33.37 18.68
C ILE G 117 6.67 -32.97 18.27
N VAL G 118 5.69 -33.76 18.71
CA VAL G 118 4.28 -33.48 18.46
C VAL G 118 3.51 -33.38 19.78
N PRO G 119 3.19 -32.13 20.20
CA PRO G 119 2.40 -31.83 21.40
C PRO G 119 0.91 -32.13 21.23
N SER G 120 0.28 -32.69 22.28
CA SER G 120 -1.14 -33.11 22.25
C SER G 120 -1.84 -32.91 23.59
N VAL G 121 -3.14 -33.22 23.63
CA VAL G 121 -3.93 -33.15 24.86
C VAL G 121 -4.71 -34.46 25.09
N TYR G 138 2.14 -43.88 28.12
CA TYR G 138 3.29 -44.29 28.92
C TYR G 138 3.94 -43.08 29.58
N CYS G 139 4.04 -43.12 30.91
CA CYS G 139 4.56 -41.99 31.68
C CYS G 139 6.08 -41.83 31.56
N LEU G 140 6.51 -40.58 31.37
CA LEU G 140 7.93 -40.25 31.16
C LEU G 140 8.81 -40.45 32.39
N GLN G 141 8.22 -40.34 33.58
CA GLN G 141 8.93 -40.57 34.84
C GLN G 141 9.40 -42.03 34.92
N ASP G 142 8.57 -42.94 34.40
CA ASP G 142 8.87 -44.37 34.40
C ASP G 142 9.97 -44.72 33.41
N ILE G 143 10.12 -43.90 32.37
CA ILE G 143 11.12 -44.13 31.33
C ILE G 143 12.30 -43.17 31.49
N THR G 158 16.99 -44.82 19.78
CA THR G 158 15.89 -44.61 20.72
C THR G 158 16.41 -44.19 22.09
N ALA G 159 17.50 -44.80 22.52
CA ALA G 159 18.13 -44.48 23.80
C ALA G 159 18.72 -43.07 23.79
N ARG G 160 19.31 -42.69 22.65
CA ARG G 160 19.91 -41.36 22.48
C ARG G 160 18.88 -40.25 22.41
N MET G 161 17.66 -40.58 22.00
CA MET G 161 16.60 -39.60 21.76
C MET G 161 15.75 -39.29 22.99
N LEU G 162 15.54 -40.30 23.84
CA LEU G 162 14.71 -40.14 25.04
C LEU G 162 15.36 -39.24 26.09
N ILE G 163 16.65 -39.48 26.36
CA ILE G 163 17.42 -38.70 27.32
C ILE G 163 17.61 -37.26 26.82
N ALA G 164 17.72 -37.11 25.50
CA ALA G 164 17.82 -35.81 24.86
C ALA G 164 16.52 -35.01 24.99
N LEU G 165 15.38 -35.69 24.92
CA LEU G 165 14.07 -35.08 25.11
C LEU G 165 13.83 -34.70 26.56
N ASP G 166 14.31 -35.54 27.48
CA ASP G 166 14.21 -35.25 28.92
C ASP G 166 15.04 -34.03 29.29
N LYS G 167 16.25 -33.94 28.71
CA LYS G 167 17.14 -32.80 28.92
C LYS G 167 16.55 -31.53 28.30
N TRP G 168 16.08 -31.65 27.06
CA TRP G 168 15.52 -30.52 26.32
C TRP G 168 14.34 -29.91 27.00
N LEU G 169 13.50 -30.75 27.59
CA LEU G 169 12.32 -30.28 28.32
C LEU G 169 12.67 -29.66 29.67
N ASP G 170 13.72 -30.18 30.30
CA ASP G 170 14.19 -29.67 31.59
C ASP G 170 14.62 -28.21 31.48
N GLU G 171 15.40 -27.91 30.44
CA GLU G 171 15.87 -26.56 30.15
C GLU G 171 14.70 -25.63 29.80
N ARG G 172 14.02 -25.94 28.70
CA ARG G 172 13.01 -25.05 28.12
C ARG G 172 11.83 -24.75 29.05
N HIS G 173 11.59 -25.62 30.03
CA HIS G 173 10.54 -25.41 31.01
C HIS G 173 10.89 -24.26 31.92
N ALA G 174 12.18 -23.92 31.96
CA ALA G 174 12.69 -22.77 32.67
C ALA G 174 13.02 -21.63 31.70
N GLN G 175 12.06 -21.30 30.84
CA GLN G 175 12.22 -20.20 29.88
C GLN G 175 11.03 -19.26 29.92
N SER G 176 9.88 -19.76 30.36
CA SER G 176 8.66 -18.97 30.51
C SER G 176 7.97 -18.75 29.17
N HIS G 177 6.70 -19.14 29.12
CA HIS G 177 5.89 -19.09 27.90
C HIS G 177 6.26 -20.15 26.90
N PHE G 178 7.48 -20.69 27.00
CA PHE G 178 7.95 -21.70 26.04
C PHE G 178 7.07 -22.93 25.95
N ILE G 179 6.85 -23.60 27.08
CA ILE G 179 6.01 -24.81 27.13
C ILE G 179 4.53 -24.50 26.84
N PRO G 180 3.98 -23.40 27.43
CA PRO G 180 2.65 -22.97 26.99
C PRO G 180 2.54 -22.70 25.49
N ALA G 181 3.59 -22.12 24.89
CA ALA G 181 3.60 -21.88 23.45
C ALA G 181 3.69 -23.18 22.65
N LEU G 182 4.38 -24.17 23.21
CA LEU G 182 4.53 -25.47 22.57
C LEU G 182 3.17 -26.17 22.44
N PHE G 183 2.31 -26.00 23.44
CA PHE G 183 1.00 -26.66 23.49
C PHE G 183 -0.19 -25.76 23.15
N ARG G 184 0.05 -24.64 22.47
CA ARG G 184 -1.03 -23.69 22.21
C ARG G 184 -1.88 -24.16 21.01
N PRO G 185 -3.13 -23.67 20.92
CA PRO G 185 -4.02 -24.12 19.85
C PRO G 185 -3.51 -23.78 18.44
N SER G 186 -4.16 -24.38 17.45
CA SER G 186 -3.78 -24.23 16.05
C SER G 186 -4.11 -22.83 15.56
N PRO G 187 -3.41 -22.37 14.50
CA PRO G 187 -3.73 -21.07 13.90
C PRO G 187 -5.23 -20.84 13.67
N LEU G 188 -5.90 -21.84 13.12
CA LEU G 188 -7.34 -21.77 12.82
C LEU G 188 -8.21 -21.55 14.04
N GLU G 189 -7.78 -22.06 15.20
CA GLU G 189 -8.53 -21.83 16.43
C GLU G 189 -8.25 -20.43 16.98
N ARG G 190 -7.28 -19.73 16.38
CA ARG G 190 -6.81 -18.47 16.95
C ARG G 190 -6.99 -17.25 16.05
N ILE G 191 -7.32 -17.47 14.79
CA ILE G 191 -7.44 -16.37 13.84
C ILE G 191 -8.69 -15.54 14.13
N LYS G 192 -8.55 -14.22 14.13
CA LYS G 192 -9.64 -13.32 14.46
C LYS G 192 -10.08 -12.47 13.27
N THR G 193 -9.11 -11.94 12.54
CA THR G 193 -9.39 -11.07 11.38
C THR G 193 -8.37 -11.35 10.29
N ASN G 194 -8.81 -11.23 9.04
CA ASN G 194 -7.96 -11.49 7.89
C ASN G 194 -8.27 -10.42 6.84
N VAL G 195 -7.32 -9.51 6.62
CA VAL G 195 -7.49 -8.41 5.68
C VAL G 195 -6.52 -8.57 4.53
N ILE G 196 -7.07 -8.61 3.31
CA ILE G 196 -6.24 -8.74 2.10
C ILE G 196 -6.30 -7.48 1.24
N ASN G 197 -5.20 -7.20 0.56
CA ASN G 197 -5.11 -6.07 -0.36
C ASN G 197 -5.68 -6.50 -1.70
N PRO G 198 -6.75 -5.83 -2.16
CA PRO G 198 -7.36 -6.16 -3.46
C PRO G 198 -6.41 -6.02 -4.66
N ALA G 199 -5.38 -5.18 -4.53
CA ALA G 199 -4.38 -5.00 -5.59
C ALA G 199 -3.61 -6.29 -5.93
N TYR G 200 -3.61 -7.24 -4.99
CA TYR G 200 -3.08 -8.58 -5.22
C TYR G 200 -4.26 -9.56 -5.18
N ALA G 201 -4.93 -9.70 -6.32
CA ALA G 201 -6.17 -10.47 -6.41
C ALA G 201 -5.96 -11.89 -6.96
N THR G 202 -6.83 -12.30 -7.90
CA THR G 202 -6.80 -13.62 -8.54
C THR G 202 -6.34 -14.77 -7.64
N ALA H 18 38.99 25.26 -15.87
CA ALA H 18 39.10 25.77 -17.26
C ALA H 18 37.74 26.29 -17.78
N VAL H 19 37.75 27.51 -18.31
CA VAL H 19 36.53 28.14 -18.83
C VAL H 19 36.45 28.01 -20.36
N ILE H 20 35.35 27.43 -20.84
CA ILE H 20 35.11 27.23 -22.26
C ILE H 20 33.81 27.89 -22.70
N ARG H 21 33.86 28.61 -23.83
CA ARG H 21 32.67 29.20 -24.44
C ARG H 21 32.67 28.98 -25.95
N PRO H 22 31.48 28.72 -26.53
CA PRO H 22 31.37 28.51 -27.98
C PRO H 22 31.23 29.81 -28.76
N LYS H 23 31.34 29.72 -30.08
CA LYS H 23 31.10 30.85 -30.97
C LYS H 23 30.09 30.49 -32.05
N LEU H 28 28.94 23.24 -31.96
CA LEU H 28 28.21 22.87 -30.75
C LEU H 28 27.30 21.68 -31.01
N ASN H 29 26.52 21.77 -32.08
CA ASN H 29 25.64 20.68 -32.51
C ASN H 29 26.28 19.92 -33.66
N SER H 30 27.47 20.35 -34.06
CA SER H 30 28.21 19.75 -35.16
C SER H 30 28.86 18.43 -34.76
N ARG H 31 29.19 17.63 -35.78
CA ARG H 31 29.90 16.37 -35.57
C ARG H 31 31.41 16.61 -35.59
N GLU H 32 31.84 17.53 -36.44
CA GLU H 32 33.25 17.94 -36.57
C GLU H 32 33.69 18.78 -35.38
N TYR H 33 34.89 18.52 -34.88
CA TYR H 33 35.49 19.29 -33.80
C TYR H 33 36.61 20.20 -34.32
N ARG H 34 36.54 21.48 -33.98
CA ARG H 34 37.57 22.45 -34.34
C ARG H 34 37.95 23.33 -33.16
N ALA H 35 39.26 23.45 -32.91
CA ALA H 35 39.79 24.27 -31.82
C ALA H 35 40.56 25.47 -32.37
N SER H 37 36.84 27.13 -32.76
CA SER H 37 35.41 27.34 -32.48
C SER H 37 35.16 27.68 -31.02
N TYR H 38 36.14 27.39 -30.17
CA TYR H 38 36.03 27.58 -28.72
C TYR H 38 37.21 28.38 -28.16
N GLU H 39 36.93 29.28 -27.21
CA GLU H 39 37.97 30.12 -26.61
C GLU H 39 38.73 29.41 -25.49
N GLU H 68 31.62 21.52 0.03
CA GLU H 68 30.92 21.06 -1.15
C GLU H 68 31.77 21.26 -2.40
N ILE H 69 31.80 20.25 -3.26
CA ILE H 69 32.65 20.27 -4.46
C ILE H 69 32.06 21.16 -5.56
N THR H 70 30.85 20.83 -6.02
CA THR H 70 30.20 21.55 -7.12
C THR H 70 29.94 23.02 -6.79
N GLN H 71 29.55 23.28 -5.53
CA GLN H 71 29.28 24.64 -5.06
C GLN H 71 30.56 25.47 -4.97
N GLY H 72 31.69 24.80 -4.71
CA GLY H 72 32.99 25.46 -4.56
C GLY H 72 33.50 26.12 -5.83
N ILE H 73 33.60 25.34 -6.90
CA ILE H 73 34.15 25.82 -8.18
C ILE H 73 33.26 26.88 -8.85
N LEU H 74 31.95 26.67 -8.80
CA LEU H 74 30.97 27.57 -9.45
C LEU H 74 31.05 29.02 -8.99
N ASP H 75 31.14 29.23 -7.68
CA ASP H 75 31.22 30.58 -7.10
C ASP H 75 32.57 31.22 -7.35
N TYR H 76 33.61 30.39 -7.40
CA TYR H 76 34.98 30.82 -7.68
C TYR H 76 35.11 31.46 -9.06
N VAL H 77 34.26 31.02 -9.99
CA VAL H 77 34.28 31.51 -11.38
C VAL H 77 33.51 32.83 -11.55
N VAL H 78 32.31 32.90 -10.99
CA VAL H 78 31.46 34.08 -11.13
C VAL H 78 32.09 35.33 -10.50
N GLU H 79 32.77 35.15 -9.37
CA GLU H 79 33.42 36.26 -8.66
C GLU H 79 34.59 36.87 -9.46
N THR H 80 35.32 36.02 -10.16
CA THR H 80 36.44 36.48 -11.00
C THR H 80 35.97 36.99 -12.37
N THR H 81 34.71 36.68 -12.71
CA THR H 81 34.09 37.15 -13.95
C THR H 81 33.56 38.57 -13.78
N LYS H 94 28.05 27.32 -16.54
CA LYS H 94 26.86 26.48 -16.53
C LYS H 94 26.94 25.35 -15.51
N ARG H 95 28.09 24.70 -15.41
CA ARG H 95 28.26 23.55 -14.52
C ARG H 95 29.72 23.23 -14.18
N VAL H 96 29.90 22.15 -13.44
CA VAL H 96 31.21 21.58 -13.13
C VAL H 96 31.20 20.09 -13.47
N VAL H 97 32.19 19.64 -14.22
CA VAL H 97 32.35 18.22 -14.56
C VAL H 97 33.79 17.78 -14.36
N LEU H 98 33.98 16.67 -13.66
CA LEU H 98 35.31 16.07 -13.47
C LEU H 98 35.78 15.41 -14.77
N MET H 99 37.05 15.64 -15.11
CA MET H 99 37.67 15.01 -16.28
C MET H 99 38.67 13.95 -15.86
N LEU H 115 41.88 18.59 -13.39
CA LEU H 115 41.28 19.60 -14.26
C LEU H 115 39.76 19.47 -14.29
N PHE H 116 39.09 20.58 -13.99
CA PHE H 116 37.63 20.66 -14.03
C PHE H 116 37.15 21.52 -15.19
N ILE H 117 35.90 21.29 -15.60
CA ILE H 117 35.34 21.92 -16.79
C ILE H 117 34.15 22.82 -16.45
N VAL H 118 34.22 24.07 -16.90
CA VAL H 118 33.13 25.04 -16.73
C VAL H 118 32.75 25.65 -18.09
N PRO H 119 31.58 25.25 -18.62
CA PRO H 119 31.04 25.75 -19.89
C PRO H 119 30.27 27.05 -19.70
N SER H 120 30.19 27.86 -20.75
CA SER H 120 29.52 29.15 -20.70
C SER H 120 28.67 29.40 -21.95
N VAL H 121 28.09 30.59 -22.04
CA VAL H 121 27.34 31.01 -23.23
C VAL H 121 27.59 32.49 -23.53
N ALA H 159 49.72 23.42 -19.25
CA ALA H 159 50.52 22.84 -20.32
C ALA H 159 50.13 21.39 -20.60
N ARG H 160 50.25 20.55 -19.57
CA ARG H 160 49.88 19.14 -19.66
C ARG H 160 48.38 18.95 -19.78
N MET H 161 47.63 19.78 -19.05
CA MET H 161 46.17 19.73 -19.04
C MET H 161 45.56 20.29 -20.33
N LEU H 162 46.31 21.14 -21.03
CA LEU H 162 45.88 21.70 -22.31
C LEU H 162 45.88 20.65 -23.44
N ILE H 163 46.80 19.70 -23.35
CA ILE H 163 46.88 18.58 -24.31
C ILE H 163 45.74 17.58 -24.07
N ALA H 164 45.42 17.38 -22.79
CA ALA H 164 44.34 16.47 -22.39
C ALA H 164 42.97 17.00 -22.75
N LEU H 165 42.79 18.32 -22.58
CA LEU H 165 41.54 19.01 -22.88
C LEU H 165 41.17 18.89 -24.36
N ASP H 166 42.18 18.98 -25.23
CA ASP H 166 41.99 18.95 -26.67
C ASP H 166 41.53 17.57 -27.18
N LYS H 167 42.21 16.52 -26.68
CA LYS H 167 41.91 15.14 -27.09
C LYS H 167 40.56 14.67 -26.55
N TRP H 168 40.22 15.13 -25.35
CA TRP H 168 38.92 14.85 -24.72
C TRP H 168 37.79 15.39 -25.55
N LEU H 169 37.85 16.69 -25.84
CA LEU H 169 36.89 17.36 -26.70
C LEU H 169 36.78 16.72 -28.08
N ASP H 170 37.91 16.31 -28.64
CA ASP H 170 37.96 15.67 -29.95
C ASP H 170 37.13 14.39 -30.01
N GLU H 171 37.39 13.48 -29.08
CA GLU H 171 36.65 12.21 -28.98
C GLU H 171 35.19 12.41 -28.56
N ARG H 172 34.95 13.40 -27.71
CA ARG H 172 33.60 13.63 -27.16
C ARG H 172 32.71 14.44 -28.10
N HIS H 173 33.29 15.09 -29.10
CA HIS H 173 32.50 15.67 -30.19
C HIS H 173 31.97 14.58 -31.07
N ALA H 174 32.76 13.52 -31.20
CA ALA H 174 32.33 12.29 -31.87
C ALA H 174 31.64 11.35 -30.89
N GLN H 175 30.67 11.89 -30.16
CA GLN H 175 29.90 11.12 -29.18
C GLN H 175 28.41 11.46 -29.21
N SER H 176 28.08 12.60 -29.81
CA SER H 176 26.70 13.06 -29.97
C SER H 176 26.06 13.40 -28.63
N HIS H 177 25.31 14.50 -28.60
CA HIS H 177 24.64 14.98 -27.39
C HIS H 177 25.57 15.40 -26.29
N PHE H 178 26.78 14.85 -26.26
CA PHE H 178 27.75 15.17 -25.22
C PHE H 178 28.06 16.67 -25.13
N ILE H 179 28.53 17.26 -26.22
CA ILE H 179 28.83 18.68 -26.26
C ILE H 179 27.57 19.52 -26.01
N PRO H 180 26.45 19.23 -26.70
CA PRO H 180 25.18 19.90 -26.37
C PRO H 180 24.75 19.74 -24.90
N ALA H 181 25.03 18.59 -24.31
CA ALA H 181 24.69 18.36 -22.89
C ALA H 181 25.63 19.13 -21.97
N LEU H 182 26.89 19.26 -22.38
CA LEU H 182 27.86 20.05 -21.64
C LEU H 182 27.47 21.52 -21.61
N PHE H 183 26.80 21.98 -22.66
CA PHE H 183 26.43 23.40 -22.77
C PHE H 183 24.93 23.65 -22.60
N ARG H 184 24.20 22.64 -22.12
CA ARG H 184 22.77 22.81 -21.84
C ARG H 184 22.53 23.77 -20.66
N PRO H 185 21.35 24.44 -20.66
CA PRO H 185 20.94 25.35 -19.60
C PRO H 185 20.98 24.73 -18.20
N SER H 186 20.97 25.58 -17.17
CA SER H 186 20.98 25.15 -15.78
C SER H 186 19.62 24.55 -15.41
N PRO H 187 19.58 23.74 -14.33
CA PRO H 187 18.34 23.16 -13.80
C PRO H 187 17.20 24.16 -13.61
N LEU H 188 17.51 25.35 -13.09
CA LEU H 188 16.49 26.38 -12.84
C LEU H 188 15.84 26.88 -14.14
N GLU H 189 16.58 26.87 -15.24
CA GLU H 189 16.05 27.29 -16.52
C GLU H 189 15.24 26.18 -17.19
N ARG H 190 15.26 24.98 -16.63
CA ARG H 190 14.66 23.82 -17.29
C ARG H 190 13.50 23.18 -16.54
N ILE H 191 13.37 23.51 -15.26
CA ILE H 191 12.34 22.91 -14.43
C ILE H 191 10.95 23.38 -14.87
N LYS H 192 10.02 22.44 -14.94
CA LYS H 192 8.64 22.73 -15.37
C LYS H 192 7.61 22.48 -14.27
N THR H 193 7.73 21.36 -13.59
CA THR H 193 6.79 21.01 -12.54
C THR H 193 7.58 20.47 -11.37
N ASN H 194 7.03 20.69 -10.18
CA ASN H 194 7.64 20.23 -8.98
C ASN H 194 6.52 19.73 -8.05
N VAL H 195 6.42 18.40 -7.90
CA VAL H 195 5.39 17.80 -7.04
C VAL H 195 6.04 17.12 -5.83
N ILE H 196 5.76 17.65 -4.64
CA ILE H 196 6.26 17.12 -3.37
C ILE H 196 5.17 16.31 -2.66
N ASN H 197 5.57 15.20 -2.05
CA ASN H 197 4.68 14.46 -1.15
C ASN H 197 4.55 15.21 0.17
N PRO H 198 3.32 15.60 0.55
CA PRO H 198 3.10 16.26 1.83
C PRO H 198 3.51 15.44 3.05
N ALA H 199 3.61 14.13 2.89
CA ALA H 199 4.01 13.22 3.97
C ALA H 199 5.41 13.52 4.49
N TYR H 200 6.25 14.08 3.62
CA TYR H 200 7.67 14.30 3.94
C TYR H 200 8.01 15.77 4.22
N ALA H 201 7.15 16.68 3.75
CA ALA H 201 7.30 18.10 4.05
C ALA H 201 6.87 18.37 5.50
N THR H 202 7.01 19.61 5.94
CA THR H 202 6.65 19.98 7.32
C THR H 202 5.78 21.24 7.38
BR BR I . -5.53 3.59 21.59
BR BR J . -0.56 -14.59 0.53
BR BR K . 10.41 -1.27 -0.13
BR BR L . -25.65 1.26 9.04
BR BR M . -17.49 -24.62 16.62
BR BR N . -31.41 -17.05 -5.75
BR BR O . -13.33 25.79 -12.32
BR BR P . 13.00 35.96 -16.80
BR BR Q . -10.26 39.35 -27.45
BR BR R . -6.16 37.26 -25.37
BR BR S . -1.19 8.67 -23.54
BR BR T . 14.03 16.35 -1.10
BR BR U . 17.94 -4.11 0.07
BR BR V . -32.15 -36.42 -12.19
BR BR W . -20.41 -28.83 -26.75
BR BR X . -16.89 -52.22 -16.86
#